data_6BS1
#
_entry.id   6BS1
#
_cell.length_a   63.800
_cell.length_b   127.720
_cell.length_c   168.140
_cell.angle_alpha   90.00
_cell.angle_beta   90.00
_cell.angle_gamma   90.00
#
_symmetry.space_group_name_H-M   'P 21 21 21'
#
loop_
_entity.id
_entity.type
_entity.pdbx_description
1 polymer 'DNA polymerase kappa'
2 polymer "DNA (5'-D(P*AP*TP*AP*CP*AP*TP*AP*CP*C)-3')"
3 polymer "DNA (5'-D(*TP*AP*CP*TP*GP*GP*TP*AP*TP*GP*TP*AP*T)-3')"
4 non-polymer 'MAGNESIUM ION'
5 non-polymer 'IODIDE ION'
6 non-polymer "2'-deoxy-5'-O-[(R)-hydroxy{[(R)-hydroxy(phosphonooxy)phosphoryl]amino}phosphoryl]adenosine"
7 non-polymer Cisplatin
8 water water
#
loop_
_entity_poly.entity_id
_entity_poly.type
_entity_poly.pdbx_seq_one_letter_code
_entity_poly.pdbx_strand_id
1 'polypeptide(L)'
;MSYYHHHHHHDYDIPTTENLYFQGAMDSTKEKCDSYKDDLLLRMGLNDNKAGMEGLDKEKINKIIMEATKGSRFYGNELK
KEKQVNQRIENMMQQKAQITSQQLRKAQLQVDRFAMELEQSRNLSNTIVHIDMDAFYAAVEMRDNPELKDKPIAVGSMSM
LSTSNYHARRFGVRAAMPGFIAKRLCPQLIIVPPNFDKYRAVSKEVKEILADYDPNFMAMSLDEAYLNITKHLEERQNWP
EDKRRYFIKMGSSVENDNPGKEVNKLSEHERSISPLLFEESPSDVQPPGDPFQVNFEEQNNPQILQNSVVFGTSAQEVVK
EIRFRIEQKTTLTASAGIAPNTMLAKVCSDKNKPNGQYQILPNRQAVMDFIKDLPIRKVSGIGKVTEKMLKALGIITCTE
LYQQRALLSLLFSETSWHYFLHISLGLGSTHLTRDGERKSMSVERTFSEINKAEEQYSLCQELCSELAQDLQKERLKGRT
VTIKLKNVNFEVKTRASTVSSVVSTAEEIFAIAKELLKTEIDADFPHPLRLRLMGVRISSFPNEEDRKHQQ
;
A,B
2 'polydeoxyribonucleotide' (DA)(DT)(DA)(DC)(DA)(DT)(DA)(DC)(DC) C,P
3 'polydeoxyribonucleotide' (DT)(DA)(DC)(DT)(DG)(DG)(DT)(DA)(DT)(DG)(DT)(DA)(DT) D,T
#
loop_
_chem_comp.id
_chem_comp.type
_chem_comp.name
_chem_comp.formula
CPT non-polymer Cisplatin 'Cl2 H6 N2 Pt'
DA DNA linking 2'-DEOXYADENOSINE-5'-MONOPHOSPHATE 'C10 H14 N5 O6 P'
DC DNA linking 2'-DEOXYCYTIDINE-5'-MONOPHOSPHATE 'C9 H14 N3 O7 P'
DG DNA linking 2'-DEOXYGUANOSINE-5'-MONOPHOSPHATE 'C10 H14 N5 O7 P'
DT DNA linking THYMIDINE-5'-MONOPHOSPHATE 'C10 H15 N2 O8 P'
DZ4 non-polymer 2'-deoxy-5'-O-[(R)-hydroxy{[(R)-hydroxy(phosphonooxy)phosphoryl]amino}phosphoryl]adenosine 'C10 H17 N6 O11 P3'
IOD non-polymer 'IODIDE ION' 'I -1'
MG non-polymer 'MAGNESIUM ION' 'Mg 2'
#
# COMPACT_ATOMS: atom_id res chain seq x y z
N GLY A 55 8.09 -17.74 28.45
CA GLY A 55 7.04 -16.83 27.98
C GLY A 55 5.71 -17.00 28.70
N LEU A 56 4.88 -15.95 28.59
CA LEU A 56 3.55 -15.83 29.25
C LEU A 56 2.67 -17.08 29.21
N ASP A 57 1.70 -17.15 30.12
CA ASP A 57 0.93 -18.37 30.34
C ASP A 57 0.05 -18.75 29.13
N LYS A 58 -1.19 -18.25 29.07
CA LYS A 58 -2.25 -18.81 28.16
C LYS A 58 -3.68 -18.49 28.57
N GLU A 59 -3.82 -17.96 29.78
CA GLU A 59 -5.03 -17.31 30.32
C GLU A 59 -4.81 -15.79 30.36
N LYS A 60 -3.62 -15.40 30.83
CA LYS A 60 -3.14 -14.01 30.92
C LYS A 60 -3.28 -13.33 29.58
N ILE A 61 -3.02 -14.12 28.53
CA ILE A 61 -3.19 -13.70 27.13
C ILE A 61 -4.63 -13.35 26.72
N ASN A 62 -5.49 -14.37 26.67
CA ASN A 62 -6.95 -14.23 26.41
C ASN A 62 -7.57 -13.17 27.33
N LYS A 63 -7.04 -13.06 28.56
CA LYS A 63 -7.39 -12.00 29.52
C LYS A 63 -7.17 -10.61 28.92
N ILE A 64 -5.95 -10.36 28.47
CA ILE A 64 -5.59 -9.10 27.82
C ILE A 64 -6.41 -8.80 26.54
N ILE A 65 -6.61 -9.86 25.71
CA ILE A 65 -7.32 -9.73 24.43
C ILE A 65 -8.78 -9.34 24.67
N MET A 66 -9.43 -10.06 25.60
CA MET A 66 -10.82 -9.78 26.03
C MET A 66 -11.01 -8.36 26.54
N GLU A 67 -10.15 -7.99 27.49
CA GLU A 67 -10.15 -6.66 28.11
C GLU A 67 -9.99 -5.52 27.09
N ALA A 68 -9.18 -5.78 26.05
CA ALA A 68 -8.95 -4.83 24.94
C ALA A 68 -10.01 -4.85 23.82
N THR A 69 -10.58 -6.03 23.57
CA THR A 69 -11.60 -6.20 22.53
C THR A 69 -13.03 -5.85 22.98
N LYS A 70 -13.37 -6.21 24.23
CA LYS A 70 -14.74 -6.06 24.77
C LYS A 70 -15.26 -4.63 24.64
N GLY A 71 -16.49 -4.48 24.14
CA GLY A 71 -17.11 -3.18 23.96
C GLY A 71 -16.95 -2.62 22.56
N SER A 72 -15.97 -3.10 21.80
CA SER A 72 -15.75 -2.65 20.43
C SER A 72 -16.85 -3.15 19.49
N ARG A 73 -17.21 -2.31 18.52
CA ARG A 73 -18.13 -2.68 17.47
C ARG A 73 -17.74 -4.04 16.92
N PHE A 74 -16.44 -4.26 16.74
CA PHE A 74 -15.86 -5.54 16.29
C PHE A 74 -16.29 -6.74 17.15
N TYR A 75 -16.19 -6.59 18.47
CA TYR A 75 -16.57 -7.65 19.40
C TYR A 75 -18.05 -7.97 19.31
N GLY A 76 -18.87 -6.91 19.32
CA GLY A 76 -20.30 -7.02 19.10
C GLY A 76 -20.61 -7.99 17.97
N ASN A 77 -19.99 -7.78 16.82
CA ASN A 77 -20.19 -8.65 15.66
C ASN A 77 -19.75 -10.10 15.90
N GLU A 78 -18.62 -10.29 16.58
CA GLU A 78 -18.10 -11.63 16.91
C GLU A 78 -19.09 -12.44 17.75
N LEU A 79 -19.77 -11.77 18.66
CA LEU A 79 -20.84 -12.39 19.43
C LEU A 79 -21.99 -12.75 18.51
N LYS A 80 -22.44 -11.78 17.71
CA LYS A 80 -23.49 -11.99 16.69
C LYS A 80 -23.22 -13.21 15.81
N LYS A 81 -21.95 -13.49 15.51
CA LYS A 81 -21.57 -14.68 14.72
C LYS A 81 -21.56 -15.97 15.55
N GLU A 82 -20.97 -15.92 16.74
CA GLU A 82 -20.89 -17.09 17.64
C GLU A 82 -22.27 -17.64 18.01
N LYS A 83 -23.23 -16.74 18.21
CA LYS A 83 -24.63 -17.09 18.45
C LYS A 83 -25.23 -17.75 17.20
N GLN A 84 -24.99 -17.17 16.03
CA GLN A 84 -25.42 -17.75 14.74
C GLN A 84 -24.83 -19.16 14.48
N VAL A 85 -23.68 -19.45 15.09
CA VAL A 85 -23.06 -20.78 15.08
C VAL A 85 -23.66 -21.68 16.14
N ASN A 86 -23.78 -21.19 17.37
CA ASN A 86 -24.40 -21.98 18.44
C ASN A 86 -25.78 -22.49 18.05
N GLN A 87 -26.54 -21.63 17.39
CA GLN A 87 -27.85 -21.98 16.86
C GLN A 87 -27.74 -23.11 15.85
N ARG A 88 -26.74 -23.03 15.00
CA ARG A 88 -26.49 -24.08 14.01
C ARG A 88 -26.16 -25.43 14.66
N ILE A 89 -25.42 -25.38 15.77
CA ILE A 89 -25.15 -26.59 16.58
C ILE A 89 -26.45 -27.13 17.18
N GLU A 90 -27.14 -26.27 17.92
CA GLU A 90 -28.43 -26.61 18.54
C GLU A 90 -29.39 -27.28 17.57
N ASN A 91 -29.44 -26.77 16.33
CA ASN A 91 -30.25 -27.36 15.26
C ASN A 91 -29.77 -28.75 14.89
N MET A 92 -28.46 -28.92 14.74
CA MET A 92 -27.85 -30.23 14.51
C MET A 92 -28.23 -31.16 15.65
N MET A 93 -28.07 -30.64 16.87
CA MET A 93 -28.32 -31.42 18.10
C MET A 93 -29.70 -32.03 18.16
N GLN A 94 -30.70 -31.23 17.82
CA GLN A 94 -32.05 -31.73 17.67
C GLN A 94 -32.02 -32.98 16.78
N GLN A 95 -31.78 -32.79 15.48
CA GLN A 95 -31.87 -33.88 14.47
C GLN A 95 -31.16 -35.18 14.89
N LYS A 96 -30.07 -35.05 15.63
CA LYS A 96 -29.44 -36.22 16.25
C LYS A 96 -30.43 -36.98 17.15
N ALA A 97 -31.18 -36.25 17.98
CA ALA A 97 -32.25 -36.85 18.81
C ALA A 97 -33.36 -37.53 17.98
N GLN A 98 -33.82 -36.86 16.91
CA GLN A 98 -34.79 -37.45 15.98
C GLN A 98 -34.23 -38.59 15.08
N ILE A 99 -32.93 -38.88 15.21
CA ILE A 99 -32.29 -39.96 14.47
C ILE A 99 -32.63 -41.27 15.21
N THR A 100 -33.05 -42.30 14.47
CA THR A 100 -33.44 -43.59 15.05
C THR A 100 -32.27 -44.57 15.02
N SER A 101 -32.39 -45.63 15.82
CA SER A 101 -31.42 -46.71 15.81
C SER A 101 -31.45 -47.47 14.49
N GLN A 102 -32.64 -47.57 13.89
CA GLN A 102 -32.77 -48.26 12.60
C GLN A 102 -32.44 -47.40 11.38
N GLN A 103 -32.39 -46.09 11.58
CA GLN A 103 -31.70 -45.21 10.62
C GLN A 103 -30.18 -45.38 10.74
N LEU A 104 -29.68 -45.27 11.97
CA LEU A 104 -28.25 -45.40 12.27
C LEU A 104 -27.65 -46.67 11.65
N ARG A 105 -28.33 -47.80 11.85
CA ARG A 105 -27.95 -49.09 11.23
C ARG A 105 -27.93 -49.00 9.71
N LYS A 106 -28.99 -48.39 9.14
CA LYS A 106 -29.12 -48.20 7.68
C LYS A 106 -27.93 -47.43 7.08
N ALA A 107 -27.56 -46.34 7.76
CA ALA A 107 -26.43 -45.50 7.34
C ALA A 107 -25.07 -46.18 7.52
N GLN A 108 -24.88 -46.75 8.71
CA GLN A 108 -23.68 -47.54 9.03
C GLN A 108 -23.33 -48.60 7.98
N LEU A 109 -24.35 -49.29 7.48
CA LEU A 109 -24.16 -50.28 6.39
C LEU A 109 -23.91 -49.62 5.02
N GLN A 110 -24.41 -48.40 4.83
CA GLN A 110 -24.10 -47.60 3.64
C GLN A 110 -22.66 -47.04 3.66
N VAL A 111 -22.30 -46.37 4.78
CA VAL A 111 -21.00 -45.72 4.96
C VAL A 111 -19.86 -46.73 4.86
N ASP A 112 -20.00 -47.85 5.58
CA ASP A 112 -19.00 -48.91 5.55
C ASP A 112 -18.81 -49.48 4.15
N ARG A 113 -19.88 -49.48 3.35
CA ARG A 113 -19.80 -49.92 1.95
C ARG A 113 -18.93 -48.96 1.12
N PHE A 114 -19.10 -47.66 1.39
CA PHE A 114 -18.27 -46.62 0.78
C PHE A 114 -16.84 -46.61 1.34
N ALA A 115 -16.72 -46.83 2.65
CA ALA A 115 -15.42 -46.89 3.32
C ALA A 115 -14.54 -48.05 2.82
N MET A 116 -15.16 -49.20 2.53
CA MET A 116 -14.44 -50.34 1.94
C MET A 116 -13.94 -50.00 0.54
N GLU A 117 -14.74 -49.23 -0.21
CA GLU A 117 -14.34 -48.72 -1.54
C GLU A 117 -13.10 -47.79 -1.49
N LEU A 118 -13.07 -46.87 -0.53
CA LEU A 118 -11.92 -45.97 -0.31
C LEU A 118 -10.69 -46.72 0.18
N GLU A 119 -10.91 -47.58 1.16
CA GLU A 119 -9.84 -48.34 1.80
C GLU A 119 -9.13 -49.27 0.82
N GLN A 120 -9.89 -49.92 -0.05
CA GLN A 120 -9.32 -50.80 -1.06
C GLN A 120 -8.55 -50.04 -2.13
N SER A 121 -8.92 -48.78 -2.38
CA SER A 121 -8.22 -47.94 -3.37
C SER A 121 -7.04 -47.12 -2.81
N ARG A 122 -6.84 -47.14 -1.49
CA ARG A 122 -5.76 -46.39 -0.82
C ARG A 122 -4.45 -46.46 -1.61
N ASN A 123 -3.88 -45.30 -1.88
CA ASN A 123 -2.61 -45.21 -2.61
C ASN A 123 -1.49 -44.75 -1.67
N LEU A 124 -0.55 -45.66 -1.40
CA LEU A 124 0.64 -45.36 -0.60
C LEU A 124 1.93 -45.24 -1.44
N SER A 125 1.84 -45.46 -2.75
CA SER A 125 3.06 -45.56 -3.58
C SER A 125 3.71 -44.22 -3.96
N ASN A 126 3.09 -43.09 -3.58
CA ASN A 126 3.66 -41.76 -3.82
C ASN A 126 4.31 -41.14 -2.59
N THR A 127 5.30 -40.30 -2.83
CA THR A 127 5.97 -39.55 -1.78
C THR A 127 5.68 -38.04 -1.97
N ILE A 128 4.92 -37.47 -1.03
CA ILE A 128 4.52 -36.07 -1.09
C ILE A 128 5.23 -35.28 0.01
N VAL A 129 5.74 -34.12 -0.36
CA VAL A 129 6.42 -33.23 0.56
C VAL A 129 5.65 -31.93 0.59
N HIS A 130 5.39 -31.43 1.79
CA HIS A 130 4.89 -30.08 1.97
C HIS A 130 6.02 -29.29 2.59
N ILE A 131 6.39 -28.18 1.99
CA ILE A 131 7.39 -27.28 2.57
C ILE A 131 6.63 -26.05 3.05
N ASP A 132 6.98 -25.52 4.21
CA ASP A 132 6.33 -24.32 4.76
C ASP A 132 7.38 -23.50 5.47
N MET A 133 7.72 -22.34 4.89
CA MET A 133 8.74 -21.46 5.46
C MET A 133 8.43 -21.09 6.90
N ASP A 134 9.48 -20.89 7.69
CA ASP A 134 9.31 -20.62 9.11
C ASP A 134 9.22 -19.12 9.29
N ALA A 135 8.18 -18.66 9.97
CA ALA A 135 7.95 -17.22 10.27
C ALA A 135 8.26 -16.31 9.09
N PHE A 136 7.82 -16.73 7.91
CA PHE A 136 8.36 -16.24 6.65
C PHE A 136 8.65 -14.75 6.63
N TYR A 137 7.61 -13.92 6.67
CA TYR A 137 7.81 -12.47 6.54
C TYR A 137 8.75 -11.98 7.62
N ALA A 138 8.49 -12.36 8.86
CA ALA A 138 9.30 -11.90 10.01
C ALA A 138 10.73 -12.39 9.94
N ALA A 139 10.93 -13.60 9.44
CA ALA A 139 12.28 -14.13 9.26
C ALA A 139 13.09 -13.31 8.24
N VAL A 140 12.43 -12.88 7.17
CA VAL A 140 13.06 -12.05 6.15
C VAL A 140 13.48 -10.71 6.71
N GLU A 141 12.59 -10.06 7.46
CA GLU A 141 12.88 -8.76 8.09
C GLU A 141 13.92 -8.88 9.18
N MET A 142 14.00 -10.03 9.82
CA MET A 142 15.08 -10.33 10.77
C MET A 142 16.39 -10.51 10.04
N ARG A 143 16.37 -11.21 8.91
CA ARG A 143 17.57 -11.46 8.12
C ARG A 143 18.29 -10.17 7.79
N ASP A 144 17.53 -9.15 7.40
CA ASP A 144 18.11 -7.95 6.79
C ASP A 144 18.13 -6.73 7.70
N ASN A 145 17.94 -6.95 9.00
CA ASN A 145 18.13 -5.91 10.01
C ASN A 145 18.62 -6.58 11.28
N PRO A 146 19.95 -6.55 11.49
CA PRO A 146 20.59 -7.14 12.67
C PRO A 146 20.02 -6.65 14.02
N GLU A 147 19.62 -5.40 14.08
CA GLU A 147 18.96 -4.81 15.27
C GLU A 147 17.83 -5.68 15.87
N LEU A 148 17.20 -6.50 15.05
CA LEU A 148 16.16 -7.38 15.52
C LEU A 148 16.70 -8.74 15.90
N LYS A 149 18.02 -8.87 15.92
CA LYS A 149 18.61 -10.13 16.31
C LYS A 149 18.12 -10.41 17.72
N ASP A 150 17.54 -11.59 17.94
CA ASP A 150 17.02 -11.97 19.24
C ASP A 150 16.22 -10.84 19.83
N LYS A 151 15.00 -10.73 19.34
CA LYS A 151 14.02 -9.71 19.69
C LYS A 151 12.66 -10.18 19.17
N PRO A 152 11.56 -9.86 19.89
CA PRO A 152 10.25 -10.20 19.37
C PRO A 152 9.83 -9.22 18.28
N ILE A 153 9.39 -9.74 17.14
CA ILE A 153 8.93 -8.89 16.05
C ILE A 153 7.66 -9.43 15.43
N ALA A 154 6.99 -8.55 14.71
CA ALA A 154 5.85 -8.91 13.90
C ALA A 154 5.80 -8.01 12.69
N VAL A 155 5.42 -8.59 11.55
CA VAL A 155 5.33 -7.85 10.32
C VAL A 155 3.91 -7.34 10.19
N GLY A 156 3.75 -6.03 10.06
CA GLY A 156 2.46 -5.41 9.81
C GLY A 156 2.40 -3.96 10.25
N SER A 157 1.18 -3.50 10.53
CA SER A 157 0.94 -2.15 11.04
C SER A 157 0.43 -2.25 12.47
N MET A 158 0.13 -1.11 13.07
CA MET A 158 -0.50 -1.04 14.38
C MET A 158 -1.94 -1.55 14.32
N SER A 159 -2.58 -1.43 13.15
CA SER A 159 -3.93 -1.96 12.92
C SER A 159 -4.03 -3.47 12.73
N MET A 160 -3.05 -4.09 12.05
CA MET A 160 -3.12 -5.51 11.72
C MET A 160 -1.78 -6.14 11.40
N LEU A 161 -1.58 -7.37 11.87
CA LEU A 161 -0.30 -8.09 11.75
C LEU A 161 -0.45 -9.31 10.86
N SER A 162 0.53 -9.49 9.97
CA SER A 162 0.56 -10.61 9.01
C SER A 162 1.06 -11.86 9.69
N THR A 163 2.17 -11.73 10.42
CA THR A 163 2.77 -12.82 11.19
C THR A 163 3.69 -12.28 12.28
N SER A 164 4.28 -13.21 13.01
CA SER A 164 5.13 -12.92 14.12
C SER A 164 6.20 -13.98 14.22
N ASN A 165 7.39 -13.59 14.64
CA ASN A 165 8.46 -14.56 14.87
C ASN A 165 8.21 -15.35 16.14
N TYR A 166 8.87 -16.49 16.26
CA TYR A 166 8.61 -17.44 17.35
C TYR A 166 8.90 -16.89 18.74
N HIS A 167 9.88 -15.97 18.82
CA HIS A 167 10.10 -15.18 20.02
C HIS A 167 8.80 -14.48 20.44
N ALA A 168 8.24 -13.70 19.52
CA ALA A 168 7.01 -12.97 19.79
C ALA A 168 5.80 -13.89 20.00
N ARG A 169 5.81 -15.07 19.38
CA ARG A 169 4.72 -16.05 19.57
C ARG A 169 4.65 -16.65 20.98
N ARG A 170 5.77 -16.60 21.72
CA ARG A 170 5.77 -16.94 23.16
C ARG A 170 4.91 -16.01 24.01
N PHE A 171 4.72 -14.78 23.54
CA PHE A 171 3.86 -13.79 24.20
C PHE A 171 2.41 -13.83 23.71
N GLY A 172 2.10 -14.74 22.79
CA GLY A 172 0.76 -14.87 22.26
C GLY A 172 0.39 -13.86 21.19
N VAL A 173 1.39 -13.18 20.60
CA VAL A 173 1.14 -12.33 19.43
C VAL A 173 1.18 -13.29 18.25
N ARG A 174 0.18 -13.19 17.38
CA ARG A 174 -0.01 -14.14 16.30
C ARG A 174 -0.52 -13.44 15.05
N ALA A 175 -0.46 -14.16 13.94
CA ALA A 175 -1.04 -13.68 12.68
C ALA A 175 -2.51 -13.28 12.87
N ALA A 176 -2.97 -12.34 12.05
CA ALA A 176 -4.34 -11.84 12.08
C ALA A 176 -4.74 -11.12 13.40
N MET A 177 -3.76 -10.65 14.16
CA MET A 177 -4.02 -9.87 15.36
C MET A 177 -3.70 -8.41 15.06
N PRO A 178 -4.49 -7.49 15.60
CA PRO A 178 -4.14 -6.07 15.45
C PRO A 178 -2.90 -5.70 16.26
N GLY A 179 -2.06 -4.83 15.71
CA GLY A 179 -0.79 -4.48 16.33
C GLY A 179 -0.96 -3.93 17.72
N PHE A 180 -1.98 -3.07 17.89
CA PHE A 180 -2.20 -2.40 19.18
C PHE A 180 -2.51 -3.37 20.33
N ILE A 181 -3.26 -4.43 20.04
CA ILE A 181 -3.46 -5.53 20.98
C ILE A 181 -2.17 -6.32 21.22
N ALA A 182 -1.42 -6.59 20.16
CA ALA A 182 -0.14 -7.29 20.29
C ALA A 182 0.87 -6.52 21.15
N LYS A 183 0.85 -5.19 21.04
CA LYS A 183 1.74 -4.33 21.84
C LYS A 183 1.38 -4.35 23.34
N ARG A 184 0.10 -4.56 23.64
CA ARG A 184 -0.34 -4.82 25.02
C ARG A 184 0.13 -6.18 25.54
N LEU A 185 0.17 -7.21 24.69
CA LEU A 185 0.77 -8.50 25.08
C LEU A 185 2.31 -8.49 25.19
N CYS A 186 2.95 -7.50 24.58
CA CYS A 186 4.41 -7.43 24.51
C CYS A 186 4.79 -6.03 24.03
N PRO A 187 5.03 -5.09 24.96
CA PRO A 187 5.41 -3.71 24.58
C PRO A 187 6.81 -3.53 23.95
N GLN A 188 7.68 -4.53 24.09
CA GLN A 188 8.99 -4.54 23.39
C GLN A 188 8.86 -4.96 21.94
N LEU A 189 7.68 -5.41 21.54
CA LEU A 189 7.41 -5.86 20.19
C LEU A 189 7.81 -4.79 19.20
N ILE A 190 8.47 -5.26 18.15
CA ILE A 190 8.87 -4.42 17.05
C ILE A 190 7.95 -4.74 15.90
N ILE A 191 7.11 -3.78 15.54
CA ILE A 191 6.24 -3.91 14.39
C ILE A 191 6.92 -3.27 13.20
N VAL A 192 7.42 -4.11 12.29
CA VAL A 192 8.14 -3.64 11.11
C VAL A 192 7.16 -3.68 9.94
N PRO A 193 7.05 -2.58 9.16
CA PRO A 193 6.15 -2.57 8.02
C PRO A 193 6.48 -3.64 6.96
N PRO A 194 5.46 -4.17 6.28
CA PRO A 194 5.66 -5.26 5.35
C PRO A 194 6.29 -4.81 4.04
N ASN A 195 7.19 -5.64 3.53
CA ASN A 195 7.80 -5.46 2.23
C ASN A 195 7.41 -6.63 1.33
N PHE A 196 6.18 -6.56 0.78
CA PHE A 196 5.62 -7.65 -0.04
C PHE A 196 6.59 -8.07 -1.13
N ASP A 197 7.20 -7.08 -1.75
CA ASP A 197 8.02 -7.30 -2.92
C ASP A 197 9.27 -8.09 -2.62
N LYS A 198 9.85 -7.91 -1.43
CA LYS A 198 10.95 -8.77 -1.00
C LYS A 198 10.48 -10.19 -0.84
N TYR A 199 9.31 -10.36 -0.23
CA TYR A 199 8.82 -11.69 0.12
C TYR A 199 8.57 -12.48 -1.14
N ARG A 200 8.02 -11.80 -2.14
CA ARG A 200 7.87 -12.38 -3.45
C ARG A 200 9.22 -12.80 -4.04
N ALA A 201 10.24 -11.97 -3.90
CA ALA A 201 11.57 -12.27 -4.41
C ALA A 201 12.26 -13.44 -3.72
N VAL A 202 12.13 -13.49 -2.40
CA VAL A 202 12.64 -14.61 -1.62
C VAL A 202 11.90 -15.86 -2.04
N SER A 203 10.58 -15.78 -2.06
CA SER A 203 9.73 -16.85 -2.58
C SER A 203 10.20 -17.41 -3.93
N LYS A 204 10.61 -16.52 -4.83
CA LYS A 204 11.11 -16.97 -6.12
C LYS A 204 12.41 -17.75 -6.00
N GLU A 205 13.30 -17.35 -5.09
CA GLU A 205 14.55 -18.09 -4.85
C GLU A 205 14.34 -19.54 -4.39
N VAL A 206 13.33 -19.77 -3.56
CA VAL A 206 13.08 -21.11 -3.03
C VAL A 206 12.35 -21.91 -4.09
N LYS A 207 11.34 -21.31 -4.73
CA LYS A 207 10.64 -21.95 -5.82
C LYS A 207 11.58 -22.46 -6.94
N GLU A 208 12.70 -21.78 -7.14
CA GLU A 208 13.73 -22.24 -8.06
C GLU A 208 14.40 -23.53 -7.60
N ILE A 209 14.69 -23.62 -6.31
CA ILE A 209 15.23 -24.85 -5.71
C ILE A 209 14.20 -25.96 -5.83
N LEU A 210 12.97 -25.69 -5.41
CA LEU A 210 11.91 -26.68 -5.41
C LEU A 210 11.62 -27.26 -6.77
N ALA A 211 11.82 -26.47 -7.81
CA ALA A 211 11.66 -26.93 -9.19
C ALA A 211 12.56 -28.12 -9.60
N ASP A 212 13.75 -28.22 -9.00
CA ASP A 212 14.68 -29.36 -9.24
C ASP A 212 14.09 -30.71 -8.86
N TYR A 213 13.27 -30.73 -7.82
CA TYR A 213 12.78 -31.99 -7.27
C TYR A 213 11.41 -32.36 -7.82
N ASP A 214 10.55 -31.37 -8.02
CA ASP A 214 9.28 -31.57 -8.72
C ASP A 214 9.04 -30.34 -9.59
N PRO A 215 9.20 -30.47 -10.92
CA PRO A 215 8.91 -29.33 -11.77
C PRO A 215 7.44 -28.88 -11.77
N ASN A 216 6.51 -29.76 -11.38
CA ASN A 216 5.09 -29.39 -11.29
C ASN A 216 4.63 -29.16 -9.87
N PHE A 217 5.53 -28.69 -9.01
CA PHE A 217 5.19 -28.46 -7.61
C PHE A 217 4.11 -27.40 -7.50
N MET A 218 3.28 -27.53 -6.48
CA MET A 218 2.08 -26.72 -6.32
C MET A 218 2.30 -25.63 -5.27
N ALA A 219 2.55 -24.41 -5.70
CA ALA A 219 2.74 -23.30 -4.78
C ALA A 219 1.38 -22.88 -4.23
N MET A 220 1.20 -22.97 -2.91
CA MET A 220 -0.04 -22.59 -2.27
C MET A 220 -0.07 -21.09 -1.97
N SER A 221 1.08 -20.56 -1.58
CA SER A 221 1.27 -19.12 -1.42
C SER A 221 2.76 -18.85 -1.60
N LEU A 222 3.24 -17.69 -1.15
CA LEU A 222 4.66 -17.40 -1.25
C LEU A 222 5.49 -18.40 -0.45
N ASP A 223 5.11 -18.67 0.79
CA ASP A 223 5.94 -19.44 1.71
C ASP A 223 5.69 -20.96 1.71
N GLU A 224 4.74 -21.44 0.94
CA GLU A 224 4.50 -22.84 1.03
C GLU A 224 4.21 -23.50 -0.26
N ALA A 225 4.56 -24.77 -0.31
CA ALA A 225 4.44 -25.60 -1.52
C ALA A 225 4.37 -27.09 -1.23
N TYR A 226 3.67 -27.81 -2.11
CA TYR A 226 3.64 -29.26 -2.13
C TYR A 226 4.56 -29.74 -3.24
N LEU A 227 5.26 -30.85 -3.02
CA LEU A 227 6.09 -31.48 -4.05
C LEU A 227 5.78 -32.96 -4.14
N ASN A 228 5.68 -33.47 -5.37
CA ASN A 228 5.64 -34.91 -5.63
C ASN A 228 6.99 -35.46 -6.10
N ILE A 229 7.80 -35.84 -5.12
CA ILE A 229 9.17 -36.26 -5.35
C ILE A 229 9.31 -37.73 -5.74
N THR A 230 8.18 -38.44 -5.83
CA THR A 230 8.19 -39.85 -6.20
C THR A 230 9.13 -40.10 -7.37
N LYS A 231 8.95 -39.35 -8.44
CA LYS A 231 9.77 -39.53 -9.64
C LYS A 231 11.25 -39.20 -9.43
N HIS A 232 11.52 -38.16 -8.65
CA HIS A 232 12.90 -37.79 -8.35
C HIS A 232 13.62 -38.85 -7.53
N LEU A 233 12.94 -39.40 -6.52
CA LEU A 233 13.53 -40.47 -5.70
C LEU A 233 13.93 -41.69 -6.50
N GLU A 234 13.17 -41.97 -7.57
CA GLU A 234 13.47 -43.10 -8.48
C GLU A 234 14.75 -42.87 -9.27
N GLU A 235 14.91 -41.68 -9.82
CA GLU A 235 16.15 -41.31 -10.52
C GLU A 235 17.35 -41.22 -9.56
N ARG A 236 17.09 -40.67 -8.36
CA ARG A 236 18.10 -40.47 -7.33
C ARG A 236 18.61 -41.77 -6.69
N GLN A 237 17.77 -42.83 -6.69
CA GLN A 237 18.16 -44.15 -6.18
C GLN A 237 19.57 -44.60 -6.64
N ASN A 238 19.92 -44.26 -7.88
CA ASN A 238 21.22 -44.61 -8.46
C ASN A 238 21.91 -43.37 -9.03
N TRP A 239 22.05 -42.35 -8.19
CA TRP A 239 22.86 -41.16 -8.51
C TRP A 239 24.24 -41.36 -7.89
N PRO A 240 25.29 -40.77 -8.50
CA PRO A 240 26.59 -40.71 -7.82
C PRO A 240 26.59 -39.63 -6.75
N GLU A 241 27.58 -39.63 -5.88
CA GLU A 241 27.69 -38.60 -4.84
C GLU A 241 27.87 -37.18 -5.43
N ASP A 242 28.45 -37.12 -6.63
CA ASP A 242 28.60 -35.87 -7.40
C ASP A 242 27.28 -35.08 -7.54
N LYS A 243 26.23 -35.77 -7.97
CA LYS A 243 24.94 -35.13 -8.25
C LYS A 243 24.20 -34.66 -7.01
N ARG A 244 24.55 -35.19 -5.84
CA ARG A 244 23.89 -34.82 -4.58
C ARG A 244 24.91 -34.39 -3.54
N ARG A 245 25.80 -33.48 -4.00
CA ARG A 245 26.82 -32.83 -3.18
C ARG A 245 26.68 -31.31 -3.31
N TYR A 246 26.63 -30.62 -2.16
CA TYR A 246 26.41 -29.18 -2.11
C TYR A 246 27.38 -28.53 -1.16
N PHE A 247 27.89 -27.37 -1.57
CA PHE A 247 28.94 -26.66 -0.84
C PHE A 247 28.34 -25.68 0.16
N ILE A 248 29.09 -25.42 1.23
CA ILE A 248 28.61 -24.53 2.29
C ILE A 248 29.04 -23.06 2.07
N LYS A 249 28.09 -22.13 2.27
CA LYS A 249 28.32 -20.68 2.21
C LYS A 249 28.08 -20.07 3.59
N ASN A 307 35.39 -27.52 1.32
CA ASN A 307 34.35 -27.78 2.33
C ASN A 307 32.98 -28.02 1.66
N SER A 308 32.61 -29.30 1.55
CA SER A 308 31.32 -29.72 0.96
C SER A 308 30.51 -30.63 1.91
N VAL A 309 29.30 -30.98 1.48
CA VAL A 309 28.38 -31.83 2.22
C VAL A 309 27.69 -32.76 1.24
N VAL A 310 27.11 -33.84 1.74
CA VAL A 310 26.42 -34.80 0.90
C VAL A 310 25.13 -35.32 1.51
N PHE A 311 24.18 -35.67 0.65
CA PHE A 311 22.92 -36.21 1.10
C PHE A 311 22.67 -37.56 0.46
N GLY A 312 21.97 -38.41 1.20
CA GLY A 312 21.69 -39.78 0.80
C GLY A 312 20.65 -39.93 -0.27
N THR A 313 20.17 -41.15 -0.43
CA THR A 313 19.27 -41.52 -1.51
C THR A 313 17.80 -41.62 -1.06
N SER A 314 17.56 -41.47 0.24
CA SER A 314 16.23 -41.61 0.82
C SER A 314 15.42 -40.32 0.79
N ALA A 315 14.12 -40.46 1.04
CA ALA A 315 13.18 -39.34 1.07
C ALA A 315 13.54 -38.38 2.18
N GLN A 316 13.84 -38.92 3.36
CA GLN A 316 14.30 -38.10 4.49
C GLN A 316 15.46 -37.24 4.08
N GLU A 317 16.41 -37.84 3.38
CA GLU A 317 17.62 -37.14 2.93
C GLU A 317 17.35 -36.08 1.83
N VAL A 318 16.54 -36.42 0.85
CA VAL A 318 16.14 -35.46 -0.18
C VAL A 318 15.65 -34.18 0.50
N VAL A 319 14.70 -34.32 1.41
CA VAL A 319 14.09 -33.17 2.09
C VAL A 319 15.10 -32.42 2.96
N LYS A 320 16.08 -33.13 3.52
CA LYS A 320 17.20 -32.45 4.20
C LYS A 320 18.02 -31.60 3.25
N GLU A 321 18.21 -32.10 2.03
CA GLU A 321 18.92 -31.37 0.97
C GLU A 321 18.16 -30.12 0.54
N ILE A 322 16.84 -30.26 0.39
CA ILE A 322 15.99 -29.13 0.02
C ILE A 322 16.05 -28.06 1.09
N ARG A 323 15.85 -28.46 2.32
CA ARG A 323 15.87 -27.51 3.44
C ARG A 323 17.25 -26.89 3.68
N PHE A 324 18.30 -27.62 3.34
CA PHE A 324 19.66 -27.10 3.43
C PHE A 324 19.88 -26.01 2.36
N ARG A 325 19.63 -26.37 1.10
CA ARG A 325 19.82 -25.44 -0.04
C ARG A 325 19.02 -24.14 0.15
N ILE A 326 17.80 -24.28 0.67
CA ILE A 326 16.94 -23.14 1.02
C ILE A 326 17.59 -22.23 2.05
N GLU A 327 18.15 -22.81 3.10
CA GLU A 327 18.87 -22.02 4.09
C GLU A 327 20.13 -21.38 3.52
N GLN A 328 20.84 -22.10 2.66
CA GLN A 328 22.06 -21.55 2.05
C GLN A 328 21.77 -20.40 1.08
N LYS A 329 20.71 -20.53 0.30
CA LYS A 329 20.35 -19.53 -0.72
C LYS A 329 19.73 -18.29 -0.13
N THR A 330 18.81 -18.46 0.80
CA THR A 330 18.00 -17.36 1.33
C THR A 330 18.39 -16.92 2.71
N THR A 331 19.15 -17.74 3.44
CA THR A 331 19.43 -17.50 4.86
C THR A 331 18.17 -17.59 5.72
N LEU A 332 17.25 -18.48 5.34
CA LEU A 332 15.99 -18.71 6.07
C LEU A 332 15.71 -20.20 6.16
N THR A 333 15.08 -20.61 7.26
CA THR A 333 14.75 -22.01 7.48
C THR A 333 13.35 -22.33 7.03
N ALA A 334 13.13 -23.59 6.68
CA ALA A 334 11.82 -24.10 6.33
C ALA A 334 11.57 -25.38 7.11
N SER A 335 10.31 -25.72 7.30
CA SER A 335 9.91 -27.00 7.85
C SER A 335 9.31 -27.82 6.75
N ALA A 336 9.29 -29.13 6.91
CA ALA A 336 8.81 -30.00 5.85
C ALA A 336 8.10 -31.22 6.40
N GLY A 337 7.19 -31.77 5.59
CA GLY A 337 6.42 -32.95 5.95
C GLY A 337 6.48 -33.94 4.81
N ILE A 338 6.60 -35.22 5.13
CA ILE A 338 6.68 -36.26 4.12
C ILE A 338 5.58 -37.25 4.43
N ALA A 339 4.91 -37.72 3.38
CA ALA A 339 3.81 -38.66 3.55
C ALA A 339 3.42 -39.23 2.19
N PRO A 340 2.49 -40.17 2.17
CA PRO A 340 1.97 -40.64 0.88
C PRO A 340 0.84 -39.81 0.26
N ASN A 341 0.32 -38.79 0.98
CA ASN A 341 -0.66 -37.83 0.41
C ASN A 341 -0.54 -36.40 0.98
N THR A 342 -1.16 -35.47 0.27
CA THR A 342 -1.08 -34.06 0.62
C THR A 342 -1.64 -33.79 2.00
N MET A 343 -2.81 -34.36 2.28
CA MET A 343 -3.49 -34.07 3.51
C MET A 343 -2.60 -34.37 4.69
N LEU A 344 -1.98 -35.54 4.67
CA LEU A 344 -1.05 -35.94 5.71
C LEU A 344 0.19 -35.05 5.74
N ALA A 345 0.82 -34.89 4.58
CA ALA A 345 2.06 -34.11 4.44
C ALA A 345 1.94 -32.72 5.04
N LYS A 346 0.82 -32.06 4.76
CA LYS A 346 0.48 -30.75 5.32
C LYS A 346 0.50 -30.75 6.86
N VAL A 347 0.01 -31.83 7.45
CA VAL A 347 -0.07 -31.93 8.90
C VAL A 347 1.31 -32.15 9.46
N CYS A 348 2.03 -33.12 8.90
CA CYS A 348 3.43 -33.40 9.26
C CYS A 348 4.37 -32.20 9.20
N SER A 349 4.20 -31.35 8.20
CA SER A 349 5.07 -30.18 8.06
C SER A 349 4.96 -29.25 9.27
N ASP A 350 3.80 -29.25 9.92
CA ASP A 350 3.62 -28.49 11.13
C ASP A 350 4.16 -29.19 12.39
N LYS A 351 4.30 -30.52 12.35
CA LYS A 351 4.69 -31.31 13.53
C LYS A 351 6.03 -30.89 14.12
N ASN A 352 7.05 -30.75 13.28
CA ASN A 352 8.38 -30.31 13.71
C ASN A 352 8.71 -28.92 13.18
N LYS A 353 7.87 -27.95 13.55
CA LYS A 353 8.09 -26.53 13.26
C LYS A 353 8.63 -25.85 14.51
N PRO A 354 9.62 -24.96 14.37
CA PRO A 354 10.29 -24.55 13.14
C PRO A 354 11.55 -25.36 12.83
N ASN A 355 11.90 -25.42 11.56
CA ASN A 355 13.17 -25.99 11.12
C ASN A 355 13.28 -27.51 11.38
N GLY A 356 12.29 -28.26 10.94
CA GLY A 356 12.31 -29.71 11.11
C GLY A 356 11.42 -30.43 10.13
N GLN A 357 11.64 -31.73 10.05
CA GLN A 357 10.90 -32.60 9.15
C GLN A 357 10.10 -33.62 9.92
N TYR A 358 9.21 -34.30 9.22
CA TYR A 358 8.60 -35.49 9.74
C TYR A 358 8.21 -36.31 8.55
N GLN A 359 8.24 -37.62 8.72
CA GLN A 359 7.76 -38.56 7.71
C GLN A 359 6.77 -39.54 8.30
N ILE A 360 5.63 -39.67 7.63
CA ILE A 360 4.77 -40.81 7.78
C ILE A 360 5.18 -41.79 6.69
N LEU A 361 5.76 -42.91 7.09
CA LEU A 361 6.25 -43.90 6.13
C LEU A 361 5.09 -44.51 5.36
N PRO A 362 5.31 -44.90 4.10
CA PRO A 362 4.22 -45.33 3.25
C PRO A 362 3.77 -46.77 3.52
N ASN A 363 3.30 -47.02 4.74
CA ASN A 363 2.62 -48.28 5.09
C ASN A 363 1.38 -47.97 5.89
N ARG A 364 0.35 -48.78 5.70
CA ARG A 364 -0.98 -48.51 6.28
C ARG A 364 -0.94 -48.37 7.80
N GLN A 365 -0.12 -49.18 8.45
CA GLN A 365 -0.05 -49.17 9.90
C GLN A 365 0.41 -47.80 10.39
N ALA A 366 1.49 -47.30 9.79
CA ALA A 366 2.10 -46.02 10.19
C ALA A 366 1.11 -44.87 10.06
N VAL A 367 0.41 -44.86 8.92
CA VAL A 367 -0.66 -43.90 8.63
C VAL A 367 -1.64 -43.88 9.79
N MET A 368 -2.17 -45.05 10.11
CA MET A 368 -3.16 -45.22 11.17
C MET A 368 -2.64 -44.89 12.54
N ASP A 369 -1.37 -45.23 12.79
CA ASP A 369 -0.72 -44.85 14.04
C ASP A 369 -0.68 -43.34 14.21
N PHE A 370 -0.31 -42.63 13.14
CA PHE A 370 -0.29 -41.15 13.15
C PHE A 370 -1.68 -40.53 13.34
N ILE A 371 -2.65 -41.08 12.61
CA ILE A 371 -4.03 -40.62 12.67
C ILE A 371 -4.68 -40.83 14.05
N LYS A 372 -4.42 -41.99 14.63
CA LYS A 372 -5.11 -42.49 15.83
C LYS A 372 -5.61 -41.42 16.79
N ASP A 373 -4.69 -40.58 17.28
CA ASP A 373 -5.00 -39.57 18.29
C ASP A 373 -4.85 -38.15 17.78
N LEU A 374 -4.95 -37.94 16.47
CA LEU A 374 -4.71 -36.63 15.84
C LEU A 374 -5.94 -35.75 16.07
N PRO A 375 -5.79 -34.56 16.69
CA PRO A 375 -6.97 -33.70 16.81
C PRO A 375 -7.40 -33.23 15.43
N ILE A 376 -8.70 -33.28 15.14
CA ILE A 376 -9.20 -33.02 13.77
C ILE A 376 -8.87 -31.60 13.32
N ARG A 377 -8.79 -30.69 14.29
CA ARG A 377 -8.45 -29.31 14.03
C ARG A 377 -7.14 -29.14 13.25
N LYS A 378 -6.17 -29.98 13.54
CA LYS A 378 -4.87 -29.92 12.87
C LYS A 378 -4.94 -30.22 11.38
N VAL A 379 -6.05 -30.78 10.91
CA VAL A 379 -6.21 -31.04 9.49
C VAL A 379 -6.58 -29.74 8.81
N SER A 380 -6.01 -29.54 7.63
CA SER A 380 -6.30 -28.36 6.82
C SER A 380 -7.72 -28.45 6.32
N GLY A 381 -8.56 -27.48 6.72
CA GLY A 381 -9.97 -27.46 6.32
C GLY A 381 -10.94 -27.79 7.42
N ILE A 382 -10.42 -28.16 8.59
CA ILE A 382 -11.19 -28.19 9.83
C ILE A 382 -10.77 -26.96 10.60
N GLY A 383 -11.66 -26.01 10.77
CA GLY A 383 -11.32 -24.73 11.39
C GLY A 383 -11.87 -24.56 12.78
N LYS A 384 -12.17 -23.32 13.17
CA LYS A 384 -12.75 -23.00 14.48
C LYS A 384 -14.14 -23.56 14.62
N VAL A 385 -14.95 -23.41 13.59
CA VAL A 385 -16.36 -23.84 13.64
C VAL A 385 -16.52 -25.35 13.55
N THR A 386 -16.04 -25.98 12.48
CA THR A 386 -16.21 -27.43 12.34
C THR A 386 -15.71 -28.16 13.58
N GLU A 387 -14.62 -27.67 14.19
CA GLU A 387 -14.10 -28.20 15.47
C GLU A 387 -15.16 -28.17 16.55
N LYS A 388 -15.73 -26.98 16.77
CA LYS A 388 -16.75 -26.82 17.81
C LYS A 388 -18.03 -27.60 17.53
N MET A 389 -18.38 -27.74 16.26
CA MET A 389 -19.53 -28.55 15.86
C MET A 389 -19.25 -30.02 16.10
N LEU A 390 -18.11 -30.49 15.60
CA LEU A 390 -17.70 -31.89 15.81
C LEU A 390 -17.38 -32.22 17.26
N LYS A 391 -16.95 -31.23 18.03
CA LYS A 391 -16.76 -31.44 19.45
C LYS A 391 -18.09 -31.73 20.15
N ALA A 392 -19.12 -30.97 19.81
CA ALA A 392 -20.47 -31.16 20.38
C ALA A 392 -21.11 -32.53 20.07
N LEU A 393 -20.54 -33.28 19.12
CA LEU A 393 -20.87 -34.70 18.96
C LEU A 393 -19.87 -35.63 19.68
N GLY A 394 -19.06 -35.08 20.58
CA GLY A 394 -17.97 -35.82 21.20
C GLY A 394 -16.78 -36.20 20.31
N ILE A 395 -16.63 -35.54 19.16
CA ILE A 395 -15.55 -35.88 18.23
C ILE A 395 -14.44 -34.85 18.40
N ILE A 396 -13.25 -35.34 18.73
CA ILE A 396 -12.03 -34.54 18.83
C ILE A 396 -10.86 -35.15 18.04
N THR A 397 -10.63 -36.46 18.19
CA THR A 397 -9.58 -37.16 17.44
C THR A 397 -10.14 -37.72 16.15
N CYS A 398 -9.25 -38.16 15.27
CA CYS A 398 -9.64 -38.68 13.96
C CYS A 398 -10.16 -40.13 13.99
N THR A 399 -9.97 -40.84 15.10
CA THR A 399 -10.59 -42.15 15.30
C THR A 399 -12.02 -42.00 15.80
N GLU A 400 -12.27 -41.02 16.67
CA GLU A 400 -13.64 -40.67 17.04
C GLU A 400 -14.44 -40.28 15.78
N LEU A 401 -13.81 -39.54 14.89
CA LEU A 401 -14.41 -39.14 13.62
C LEU A 401 -14.74 -40.35 12.76
N TYR A 402 -13.90 -41.38 12.82
CA TYR A 402 -14.21 -42.64 12.16
C TYR A 402 -15.39 -43.32 12.82
N GLN A 403 -15.33 -43.41 14.15
CA GLN A 403 -16.35 -44.13 14.92
C GLN A 403 -17.74 -43.59 14.67
N GLN A 404 -17.87 -42.27 14.61
CA GLN A 404 -19.16 -41.63 14.38
C GLN A 404 -19.62 -41.53 12.92
N ARG A 405 -18.88 -42.15 12.00
CA ARG A 405 -19.11 -41.96 10.55
C ARG A 405 -20.53 -42.18 10.02
N ALA A 406 -21.28 -43.06 10.68
CA ALA A 406 -22.69 -43.26 10.33
C ALA A 406 -23.52 -42.04 10.71
N LEU A 407 -23.44 -41.62 11.97
CA LEU A 407 -24.13 -40.43 12.45
C LEU A 407 -23.82 -39.21 11.58
N LEU A 408 -22.54 -39.01 11.30
CA LEU A 408 -22.06 -37.88 10.48
C LEU A 408 -22.65 -37.85 9.08
N SER A 409 -22.93 -39.03 8.52
CA SER A 409 -23.57 -39.11 7.22
C SER A 409 -25.00 -38.59 7.23
N LEU A 410 -25.65 -38.62 8.39
CA LEU A 410 -27.00 -38.08 8.54
C LEU A 410 -27.02 -36.58 8.90
N LEU A 411 -26.09 -36.14 9.75
CA LEU A 411 -26.04 -34.73 10.23
C LEU A 411 -25.35 -33.72 9.31
N PHE A 412 -24.56 -34.21 8.34
CA PHE A 412 -23.82 -33.35 7.40
C PHE A 412 -24.09 -33.69 5.96
N SER A 413 -23.84 -32.71 5.10
CA SER A 413 -24.01 -32.85 3.68
C SER A 413 -23.08 -33.92 3.16
N GLU A 414 -23.35 -34.35 1.93
CA GLU A 414 -22.60 -35.41 1.28
C GLU A 414 -21.09 -35.12 1.27
N THR A 415 -20.74 -33.93 0.78
CA THR A 415 -19.34 -33.51 0.69
C THR A 415 -18.65 -33.44 2.03
N SER A 416 -19.32 -32.93 3.05
CA SER A 416 -18.70 -32.82 4.35
C SER A 416 -18.36 -34.16 4.96
N TRP A 417 -19.32 -35.07 4.99
CA TRP A 417 -19.05 -36.38 5.59
C TRP A 417 -18.13 -37.21 4.71
N HIS A 418 -18.23 -37.09 3.40
CA HIS A 418 -17.21 -37.69 2.52
C HIS A 418 -15.80 -37.24 2.88
N TYR A 419 -15.66 -35.93 3.07
CA TYR A 419 -14.38 -35.34 3.44
C TYR A 419 -13.98 -35.83 4.82
N PHE A 420 -14.88 -35.78 5.78
CA PHE A 420 -14.57 -36.30 7.11
C PHE A 420 -14.10 -37.77 7.08
N LEU A 421 -14.64 -38.57 6.17
CA LEU A 421 -14.26 -39.99 6.07
C LEU A 421 -12.83 -40.14 5.53
N HIS A 422 -12.48 -39.37 4.50
CA HIS A 422 -11.10 -39.33 4.03
C HIS A 422 -10.14 -38.98 5.16
N ILE A 423 -10.49 -37.96 5.95
CA ILE A 423 -9.71 -37.56 7.14
C ILE A 423 -9.53 -38.73 8.12
N SER A 424 -10.64 -39.39 8.44
CA SER A 424 -10.63 -40.48 9.43
C SER A 424 -9.85 -41.70 8.97
N LEU A 425 -9.73 -41.92 7.66
CA LEU A 425 -8.92 -43.03 7.12
C LEU A 425 -7.48 -42.64 6.73
N GLY A 426 -7.08 -41.40 7.00
CA GLY A 426 -5.76 -40.91 6.60
C GLY A 426 -5.55 -40.85 5.09
N LEU A 427 -6.58 -40.39 4.38
CA LEU A 427 -6.57 -40.28 2.93
C LEU A 427 -6.51 -38.82 2.50
N GLY A 428 -6.15 -38.64 1.25
CA GLY A 428 -6.06 -37.30 0.66
C GLY A 428 -5.46 -37.42 -0.72
N SER A 429 -5.06 -36.29 -1.27
CA SER A 429 -4.62 -36.20 -2.66
C SER A 429 -3.21 -36.77 -2.83
N THR A 430 -3.05 -37.63 -3.84
CA THR A 430 -1.78 -38.29 -4.14
C THR A 430 -1.19 -37.93 -5.50
N HIS A 431 -1.76 -36.92 -6.16
CA HIS A 431 -1.07 -36.24 -7.25
C HIS A 431 -1.48 -34.75 -7.26
N LEU A 432 -0.52 -33.91 -7.59
CA LEU A 432 -0.70 -32.47 -7.54
C LEU A 432 -1.30 -32.06 -8.88
N THR A 433 -2.52 -31.51 -8.85
CA THR A 433 -3.17 -31.02 -10.07
C THR A 433 -2.73 -29.59 -10.36
N ARG A 434 -1.91 -29.42 -11.41
CA ARG A 434 -1.40 -28.10 -11.83
C ARG A 434 -2.51 -27.04 -11.92
N ASP A 435 -2.50 -26.10 -10.97
CA ASP A 435 -3.52 -25.04 -10.85
C ASP A 435 -3.96 -24.49 -12.23
N GLY A 436 -5.21 -24.77 -12.60
CA GLY A 436 -5.79 -24.26 -13.85
C GLY A 436 -6.18 -22.78 -13.73
N GLU A 437 -7.15 -22.36 -14.54
CA GLU A 437 -7.58 -20.96 -14.58
C GLU A 437 -8.26 -20.57 -13.28
N ARG A 438 -8.13 -19.30 -12.92
CA ARG A 438 -8.80 -18.75 -11.74
C ARG A 438 -10.31 -18.67 -11.95
N LYS A 439 -11.01 -18.56 -10.83
CA LYS A 439 -12.46 -18.54 -10.80
C LYS A 439 -13.02 -17.16 -10.41
N SER A 440 -12.28 -16.39 -9.62
CA SER A 440 -12.64 -15.01 -9.30
C SER A 440 -11.44 -14.09 -9.13
N MET A 441 -11.67 -12.82 -9.39
CA MET A 441 -10.70 -11.78 -9.08
C MET A 441 -11.45 -10.71 -8.32
N SER A 442 -10.82 -10.14 -7.31
CA SER A 442 -11.51 -9.17 -6.50
C SER A 442 -10.55 -8.19 -5.90
N VAL A 443 -11.10 -7.09 -5.45
CA VAL A 443 -10.33 -6.14 -4.71
C VAL A 443 -11.26 -5.55 -3.67
N GLU A 444 -10.72 -5.29 -2.49
CA GLU A 444 -11.49 -4.71 -1.41
C GLU A 444 -10.58 -3.84 -0.59
N ARG A 445 -11.17 -2.85 0.08
CA ARG A 445 -10.38 -1.97 0.87
C ARG A 445 -11.12 -1.50 2.11
N THR A 446 -10.42 -1.49 3.25
CA THR A 446 -10.94 -0.97 4.51
C THR A 446 -10.48 0.47 4.66
N PHE A 447 -11.31 1.29 5.30
CA PHE A 447 -11.01 2.70 5.51
C PHE A 447 -11.70 3.23 6.74
N SER A 448 -11.33 4.44 7.12
CA SER A 448 -12.12 5.20 8.08
C SER A 448 -13.47 5.52 7.46
N GLU A 449 -14.49 5.63 8.29
CA GLU A 449 -15.90 5.64 7.85
C GLU A 449 -16.19 6.51 6.64
N ILE A 450 -17.01 6.00 5.74
CA ILE A 450 -17.54 6.78 4.63
C ILE A 450 -19.05 6.67 4.74
N ASN A 451 -19.72 7.81 4.59
CA ASN A 451 -21.19 7.86 4.60
C ASN A 451 -21.84 8.73 3.51
N LYS A 452 -21.13 9.72 2.99
CA LYS A 452 -21.64 10.52 1.87
C LYS A 452 -21.76 9.65 0.64
N ALA A 453 -22.96 9.59 0.09
CA ALA A 453 -23.23 8.71 -1.03
C ALA A 453 -22.23 8.93 -2.16
N GLU A 454 -22.03 10.19 -2.53
CA GLU A 454 -21.16 10.53 -3.66
C GLU A 454 -19.71 10.06 -3.49
N GLU A 455 -19.24 10.00 -2.24
CA GLU A 455 -17.91 9.47 -1.94
C GLU A 455 -17.85 7.96 -2.06
N GLN A 456 -18.96 7.29 -1.77
CA GLN A 456 -19.07 5.85 -1.91
C GLN A 456 -19.13 5.41 -3.37
N TYR A 457 -19.84 6.16 -4.20
CA TYR A 457 -19.84 5.92 -5.65
C TYR A 457 -18.45 6.06 -6.22
N SER A 458 -17.75 7.12 -5.83
CA SER A 458 -16.38 7.39 -6.27
C SER A 458 -15.44 6.26 -5.86
N LEU A 459 -15.60 5.78 -4.64
CA LEU A 459 -14.75 4.74 -4.11
C LEU A 459 -15.03 3.42 -4.76
N CYS A 460 -16.31 3.18 -5.09
CA CYS A 460 -16.69 2.00 -5.88
C CYS A 460 -16.10 2.08 -7.27
N GLN A 461 -16.19 3.26 -7.86
CA GLN A 461 -15.63 3.52 -9.19
C GLN A 461 -14.12 3.34 -9.25
N GLU A 462 -13.45 3.66 -8.14
CA GLU A 462 -12.01 3.44 -8.00
C GLU A 462 -11.68 1.95 -7.96
N LEU A 463 -12.39 1.21 -7.13
CA LEU A 463 -12.13 -0.22 -6.98
C LEU A 463 -12.40 -0.97 -8.26
N CYS A 464 -13.49 -0.59 -8.94
CA CYS A 464 -13.81 -1.11 -10.28
C CYS A 464 -12.68 -0.86 -11.27
N SER A 465 -12.12 0.34 -11.25
CA SER A 465 -10.97 0.67 -12.10
C SER A 465 -9.79 -0.24 -11.83
N GLU A 466 -9.48 -0.45 -10.55
CA GLU A 466 -8.36 -1.30 -10.13
C GLU A 466 -8.57 -2.75 -10.52
N LEU A 467 -9.81 -3.21 -10.41
CA LEU A 467 -10.14 -4.58 -10.78
C LEU A 467 -10.04 -4.77 -12.29
N ALA A 468 -10.52 -3.79 -13.04
CA ALA A 468 -10.42 -3.78 -14.49
C ALA A 468 -8.97 -3.83 -14.96
N GLN A 469 -8.11 -3.16 -14.22
CA GLN A 469 -6.69 -3.14 -14.52
C GLN A 469 -6.02 -4.51 -14.27
N ASP A 470 -6.42 -5.17 -13.18
CA ASP A 470 -5.92 -6.52 -12.86
C ASP A 470 -6.45 -7.56 -13.85
N LEU A 471 -7.71 -7.40 -14.27
CA LEU A 471 -8.26 -8.21 -15.36
C LEU A 471 -7.44 -8.03 -16.63
N GLN A 472 -7.09 -6.79 -16.95
CA GLN A 472 -6.27 -6.44 -18.14
C GLN A 472 -4.93 -7.18 -18.19
N LYS A 473 -4.32 -7.41 -17.02
CA LYS A 473 -3.09 -8.21 -16.88
C LYS A 473 -3.20 -9.62 -17.49
N GLU A 474 -4.21 -10.36 -17.05
CA GLU A 474 -4.40 -11.78 -17.41
C GLU A 474 -5.40 -11.97 -18.56
N ARG A 475 -5.82 -10.87 -19.19
CA ARG A 475 -6.80 -10.89 -20.27
C ARG A 475 -8.03 -11.73 -19.90
N LEU A 476 -8.74 -11.23 -18.89
CA LEU A 476 -9.89 -11.90 -18.31
C LEU A 476 -11.16 -11.04 -18.37
N LYS A 477 -12.27 -11.70 -18.62
CA LYS A 477 -13.58 -11.08 -18.64
C LYS A 477 -14.59 -12.04 -17.99
N GLY A 478 -15.49 -11.47 -17.18
CA GLY A 478 -16.44 -12.26 -16.40
C GLY A 478 -17.86 -11.77 -16.57
N ARG A 479 -18.81 -12.52 -16.01
CA ARG A 479 -20.23 -12.20 -16.12
C ARG A 479 -20.91 -11.78 -14.83
N THR A 480 -20.29 -12.03 -13.68
CA THR A 480 -20.92 -11.79 -12.39
C THR A 480 -20.12 -10.74 -11.66
N VAL A 481 -20.80 -9.67 -11.26
CA VAL A 481 -20.17 -8.64 -10.49
C VAL A 481 -20.81 -8.68 -9.13
N THR A 482 -19.98 -8.66 -8.11
CA THR A 482 -20.42 -8.78 -6.75
C THR A 482 -19.79 -7.69 -5.92
N ILE A 483 -20.57 -6.74 -5.46
CA ILE A 483 -20.06 -5.77 -4.50
C ILE A 483 -20.10 -6.34 -3.10
N LYS A 484 -19.20 -5.89 -2.24
CA LYS A 484 -19.15 -6.33 -0.86
C LYS A 484 -19.12 -5.09 -0.03
N LEU A 485 -20.04 -4.97 0.91
CA LEU A 485 -20.11 -3.82 1.77
C LEU A 485 -20.07 -4.31 3.18
N LYS A 486 -19.33 -3.64 4.04
CA LYS A 486 -19.27 -4.01 5.43
C LYS A 486 -19.43 -2.75 6.25
N ASN A 487 -20.56 -2.63 6.95
CA ASN A 487 -20.84 -1.40 7.71
C ASN A 487 -19.94 -1.25 8.92
N VAL A 488 -20.00 -0.09 9.56
CA VAL A 488 -19.15 0.18 10.75
C VAL A 488 -19.31 -0.80 11.92
N ASN A 489 -20.38 -1.62 11.92
CA ASN A 489 -20.55 -2.72 12.88
C ASN A 489 -20.13 -4.08 12.34
N PHE A 490 -19.28 -4.08 11.31
CA PHE A 490 -18.66 -5.29 10.74
C PHE A 490 -19.60 -6.29 10.09
N GLU A 491 -20.84 -5.87 9.86
CA GLU A 491 -21.84 -6.72 9.22
C GLU A 491 -21.56 -6.62 7.74
N VAL A 492 -21.54 -7.76 7.07
CA VAL A 492 -21.11 -7.82 5.68
C VAL A 492 -22.27 -8.19 4.79
N LYS A 493 -22.54 -7.37 3.77
CA LYS A 493 -23.50 -7.68 2.72
C LYS A 493 -22.75 -7.91 1.42
N THR A 494 -23.13 -8.94 0.68
CA THR A 494 -22.70 -9.07 -0.70
C THR A 494 -23.94 -8.94 -1.54
N ARG A 495 -23.84 -8.26 -2.67
CA ARG A 495 -24.94 -8.14 -3.59
C ARG A 495 -24.40 -8.40 -4.98
N ALA A 496 -24.94 -9.40 -5.64
CA ALA A 496 -24.40 -9.87 -6.91
C ALA A 496 -25.38 -9.70 -8.05
N SER A 497 -24.85 -9.58 -9.25
CA SER A 497 -25.66 -9.44 -10.45
C SER A 497 -24.93 -10.09 -11.60
N THR A 498 -25.58 -11.06 -12.24
CA THR A 498 -25.01 -11.72 -13.38
C THR A 498 -25.59 -11.09 -14.62
N VAL A 499 -24.75 -11.01 -15.64
CA VAL A 499 -25.09 -10.38 -16.90
C VAL A 499 -24.95 -11.49 -17.96
N SER A 500 -25.62 -11.32 -19.10
CA SER A 500 -25.54 -12.28 -20.20
C SER A 500 -24.16 -12.30 -20.84
N SER A 501 -23.71 -11.12 -21.25
CA SER A 501 -22.45 -10.96 -21.97
C SER A 501 -21.31 -10.58 -21.03
N VAL A 502 -20.09 -11.04 -21.31
CA VAL A 502 -18.94 -10.83 -20.39
C VAL A 502 -18.48 -9.37 -20.36
N VAL A 503 -18.06 -8.90 -19.19
CA VAL A 503 -17.64 -7.52 -18.97
C VAL A 503 -16.21 -7.46 -18.43
N SER A 504 -15.57 -6.31 -18.57
CA SER A 504 -14.11 -6.16 -18.28
C SER A 504 -13.58 -4.75 -17.99
N THR A 505 -14.11 -3.74 -18.69
CA THR A 505 -13.66 -2.35 -18.49
C THR A 505 -14.15 -1.78 -17.16
N ALA A 506 -13.46 -0.75 -16.70
CA ALA A 506 -13.81 -0.04 -15.47
C ALA A 506 -15.21 0.54 -15.54
N GLU A 507 -15.64 0.94 -16.74
CA GLU A 507 -16.95 1.54 -16.94
C GLU A 507 -18.06 0.47 -16.82
N GLU A 508 -17.88 -0.64 -17.53
CA GLU A 508 -18.86 -1.74 -17.54
C GLU A 508 -19.03 -2.37 -16.18
N ILE A 509 -17.91 -2.57 -15.47
CA ILE A 509 -17.93 -3.11 -14.10
C ILE A 509 -18.61 -2.10 -13.19
N PHE A 510 -18.17 -0.84 -13.26
CA PHE A 510 -18.79 0.21 -12.46
C PHE A 510 -20.27 0.36 -12.76
N ALA A 511 -20.67 0.31 -14.02
CA ALA A 511 -22.10 0.37 -14.38
C ALA A 511 -22.95 -0.60 -13.56
N ILE A 512 -22.45 -1.82 -13.40
CA ILE A 512 -23.17 -2.87 -12.70
C ILE A 512 -23.11 -2.65 -11.19
N ALA A 513 -21.90 -2.45 -10.69
CA ALA A 513 -21.70 -2.21 -9.27
C ALA A 513 -22.44 -0.97 -8.79
N LYS A 514 -22.51 0.06 -9.65
CA LYS A 514 -23.17 1.32 -9.32
C LYS A 514 -24.58 1.07 -8.81
N GLU A 515 -25.35 0.33 -9.59
CA GLU A 515 -26.73 0.03 -9.24
C GLU A 515 -26.84 -0.80 -7.99
N LEU A 516 -26.02 -1.83 -7.88
CA LEU A 516 -26.05 -2.71 -6.72
C LEU A 516 -25.85 -1.90 -5.48
N LEU A 517 -24.89 -0.98 -5.54
CA LEU A 517 -24.65 -0.04 -4.46
C LEU A 517 -25.84 0.90 -4.28
N LYS A 518 -26.32 1.47 -5.38
CA LYS A 518 -27.46 2.40 -5.34
C LYS A 518 -28.65 1.80 -4.61
N THR A 519 -29.02 0.58 -5.01
CA THR A 519 -30.09 -0.15 -4.36
C THR A 519 -29.90 -0.14 -2.85
N GLU A 520 -28.70 -0.46 -2.40
CA GLU A 520 -28.41 -0.53 -0.95
C GLU A 520 -28.48 0.82 -0.25
N ILE A 521 -28.12 1.89 -0.96
CA ILE A 521 -28.25 3.26 -0.44
C ILE A 521 -29.73 3.65 -0.38
N ASP A 522 -30.47 3.30 -1.42
CA ASP A 522 -31.92 3.56 -1.47
C ASP A 522 -32.65 2.80 -0.38
N ALA A 523 -32.32 1.52 -0.22
CA ALA A 523 -32.99 0.65 0.76
C ALA A 523 -33.00 1.26 2.16
N ASP A 524 -31.85 1.72 2.62
CA ASP A 524 -31.75 2.31 3.96
C ASP A 524 -32.22 3.77 4.03
N PHE A 525 -32.42 4.40 2.86
CA PHE A 525 -32.85 5.81 2.75
C PHE A 525 -34.02 6.15 3.69
N PRO A 526 -33.96 7.31 4.40
CA PRO A 526 -32.97 8.38 4.30
C PRO A 526 -31.68 8.16 5.06
N HIS A 527 -31.48 6.99 5.66
CA HIS A 527 -30.27 6.74 6.45
C HIS A 527 -29.09 6.52 5.49
N PRO A 528 -27.91 7.06 5.83
CA PRO A 528 -26.75 6.86 4.98
C PRO A 528 -26.14 5.50 5.27
N LEU A 529 -25.46 4.92 4.27
CA LEU A 529 -24.68 3.71 4.51
C LEU A 529 -23.40 4.12 5.22
N ARG A 530 -23.22 3.62 6.44
CA ARG A 530 -22.03 3.91 7.23
C ARG A 530 -21.10 2.74 7.08
N LEU A 531 -20.26 2.78 6.06
CA LEU A 531 -19.40 1.63 5.80
C LEU A 531 -17.94 1.91 6.02
N ARG A 532 -17.24 0.83 6.39
CA ARG A 532 -15.81 0.78 6.66
C ARG A 532 -15.01 -0.03 5.64
N LEU A 533 -15.67 -0.89 4.87
CA LEU A 533 -15.01 -1.58 3.79
C LEU A 533 -15.95 -1.68 2.62
N MET A 534 -15.40 -1.47 1.43
CA MET A 534 -16.10 -1.79 0.21
C MET A 534 -15.21 -2.72 -0.60
N GLY A 535 -15.82 -3.55 -1.43
CA GLY A 535 -15.07 -4.35 -2.37
C GLY A 535 -15.85 -4.64 -3.62
N VAL A 536 -15.15 -5.06 -4.65
CA VAL A 536 -15.78 -5.50 -5.87
C VAL A 536 -15.09 -6.79 -6.30
N ARG A 537 -15.90 -7.77 -6.68
CA ARG A 537 -15.42 -9.03 -7.23
C ARG A 537 -16.08 -9.26 -8.57
N ILE A 538 -15.31 -9.82 -9.50
CA ILE A 538 -15.85 -10.32 -10.75
C ILE A 538 -15.60 -11.82 -10.81
N SER A 539 -16.54 -12.55 -11.38
CA SER A 539 -16.46 -14.00 -11.45
C SER A 539 -17.28 -14.53 -12.62
N SER A 540 -17.33 -15.86 -12.74
CA SER A 540 -18.04 -16.55 -13.82
C SER A 540 -17.34 -16.35 -15.15
N PHE A 541 -16.03 -16.58 -15.12
CA PHE A 541 -15.20 -16.49 -16.31
C PHE A 541 -15.53 -17.70 -17.17
N PRO A 542 -15.34 -17.59 -18.48
CA PRO A 542 -15.65 -18.73 -19.34
C PRO A 542 -14.70 -19.92 -19.13
N ASN A 543 -15.14 -21.10 -19.55
CA ASN A 543 -14.36 -22.34 -19.36
C ASN A 543 -13.35 -22.52 -20.49
N ASP B 57 10.03 25.03 22.91
CA ASP B 57 9.61 25.91 21.76
C ASP B 57 10.30 25.51 20.43
N LYS B 58 10.22 26.39 19.42
CA LYS B 58 10.96 26.26 18.15
C LYS B 58 12.47 26.04 18.38
N GLU B 59 12.98 26.60 19.49
CA GLU B 59 14.35 26.32 19.97
C GLU B 59 14.49 24.87 20.48
N LYS B 60 13.50 24.41 21.25
CA LYS B 60 13.43 23.02 21.73
C LYS B 60 13.17 21.99 20.61
N ILE B 61 12.34 22.36 19.62
CA ILE B 61 12.03 21.48 18.46
C ILE B 61 13.27 21.09 17.66
N ASN B 62 13.89 22.09 17.02
CA ASN B 62 15.13 21.89 16.25
C ASN B 62 16.30 21.25 17.04
N LYS B 63 16.20 21.22 18.37
CA LYS B 63 17.07 20.40 19.24
C LYS B 63 16.50 18.99 19.46
N ILE B 64 15.17 18.89 19.65
CA ILE B 64 14.50 17.60 19.84
C ILE B 64 14.69 16.69 18.61
N ILE B 65 14.34 17.18 17.42
CA ILE B 65 14.50 16.41 16.17
C ILE B 65 15.97 16.10 15.95
N MET B 66 16.78 17.14 15.80
CA MET B 66 18.22 16.98 15.55
C MET B 66 18.97 16.12 16.58
N GLU B 67 18.42 15.97 17.79
CA GLU B 67 18.93 14.99 18.75
C GLU B 67 18.85 13.56 18.17
N ALA B 68 17.64 13.03 18.01
CA ALA B 68 17.43 11.70 17.40
C ALA B 68 17.62 11.81 15.88
N THR B 69 18.87 11.75 15.42
CA THR B 69 19.25 12.01 14.01
C THR B 69 20.76 11.78 13.83
N LYS B 70 21.55 12.46 14.66
CA LYS B 70 23.01 12.31 14.66
C LYS B 70 23.45 10.83 14.64
N GLY B 71 24.08 10.43 13.54
CA GLY B 71 24.48 9.04 13.32
C GLY B 71 23.62 8.38 12.26
N SER B 72 22.32 8.69 12.26
CA SER B 72 21.42 8.14 11.24
C SER B 72 22.17 8.19 9.93
N ARG B 73 22.44 7.01 9.36
CA ARG B 73 23.05 6.96 8.04
C ARG B 73 22.40 8.02 7.12
N PHE B 74 21.09 8.27 7.35
CA PHE B 74 20.35 9.44 6.83
C PHE B 74 21.06 10.79 7.01
N TYR B 75 21.33 11.15 8.26
CA TYR B 75 21.98 12.42 8.62
C TYR B 75 23.35 12.60 8.00
N GLY B 76 24.14 11.53 8.04
CA GLY B 76 25.39 11.49 7.30
C GLY B 76 25.24 11.92 5.86
N ASN B 77 24.18 11.46 5.20
CA ASN B 77 23.89 11.91 3.85
C ASN B 77 23.44 13.37 3.80
N GLU B 78 22.65 13.81 4.78
CA GLU B 78 22.19 15.21 4.85
C GLU B 78 23.33 16.23 5.00
N LEU B 79 24.38 15.85 5.72
CA LEU B 79 25.59 16.68 5.79
C LEU B 79 26.26 16.71 4.43
N LYS B 80 26.55 15.51 3.92
CA LYS B 80 27.14 15.32 2.60
C LYS B 80 26.42 16.15 1.54
N LYS B 81 25.11 16.32 1.68
CA LYS B 81 24.32 17.15 0.75
C LYS B 81 24.55 18.64 1.01
N GLU B 82 24.09 19.15 2.17
CA GLU B 82 24.30 20.56 2.63
C GLU B 82 25.68 21.13 2.35
N LYS B 83 26.68 20.30 2.64
CA LYS B 83 28.09 20.62 2.36
C LYS B 83 28.30 20.79 0.86
N GLN B 84 27.81 19.83 0.07
CA GLN B 84 27.83 19.94 -1.41
C GLN B 84 27.16 21.21 -1.94
N VAL B 85 26.21 21.77 -1.17
CA VAL B 85 25.60 23.07 -1.44
C VAL B 85 26.51 24.21 -1.05
N ASN B 86 26.94 24.21 0.21
CA ASN B 86 27.85 25.26 0.67
C ASN B 86 28.97 25.49 -0.34
N GLN B 87 29.54 24.41 -0.88
CA GLN B 87 30.57 24.50 -1.93
C GLN B 87 30.06 25.27 -3.14
N ARG B 88 28.83 24.99 -3.54
CA ARG B 88 28.19 25.72 -4.65
C ARG B 88 28.04 27.22 -4.38
N ILE B 89 27.78 27.58 -3.12
CA ILE B 89 27.78 28.98 -2.67
C ILE B 89 29.19 29.60 -2.71
N GLU B 90 30.16 28.92 -2.11
CA GLU B 90 31.55 29.39 -2.14
C GLU B 90 32.01 29.65 -3.57
N ASN B 91 31.68 28.76 -4.51
CA ASN B 91 31.98 28.94 -5.94
C ASN B 91 31.32 30.19 -6.51
N MET B 92 30.06 30.43 -6.13
CA MET B 92 29.34 31.65 -6.51
C MET B 92 29.99 32.90 -5.93
N MET B 93 30.37 32.84 -4.65
CA MET B 93 31.06 33.96 -4.00
C MET B 93 32.41 34.31 -4.62
N GLN B 94 33.22 33.29 -4.91
CA GLN B 94 34.50 33.48 -5.63
C GLN B 94 34.31 34.09 -7.02
N GLN B 95 33.18 33.80 -7.66
CA GLN B 95 32.86 34.39 -8.97
C GLN B 95 32.26 35.79 -8.88
N LYS B 96 31.55 36.08 -7.79
CA LYS B 96 31.07 37.44 -7.50
C LYS B 96 32.26 38.40 -7.42
N ALA B 97 33.26 38.04 -6.61
CA ALA B 97 34.46 38.87 -6.39
C ALA B 97 35.25 39.22 -7.66
N GLN B 98 35.27 38.33 -8.65
CA GLN B 98 35.87 38.61 -9.95
C GLN B 98 35.00 39.50 -10.87
N ILE B 99 33.73 39.76 -10.49
CA ILE B 99 32.83 40.61 -11.28
C ILE B 99 33.25 42.06 -11.07
N THR B 100 33.42 42.80 -12.18
CA THR B 100 33.92 44.17 -12.14
C THR B 100 32.77 45.17 -12.14
N SER B 101 33.09 46.42 -11.81
CA SER B 101 32.13 47.52 -11.84
C SER B 101 31.73 47.88 -13.27
N GLN B 102 32.69 47.78 -14.17
CA GLN B 102 32.47 47.83 -15.63
C GLN B 102 31.40 46.82 -16.07
N GLN B 103 31.58 45.57 -15.66
CA GLN B 103 30.65 44.46 -15.98
C GLN B 103 29.26 44.63 -15.35
N LEU B 104 29.23 45.03 -14.09
CA LEU B 104 27.97 45.31 -13.38
C LEU B 104 27.12 46.25 -14.22
N ARG B 105 27.71 47.38 -14.62
CA ARG B 105 27.08 48.31 -15.55
C ARG B 105 26.75 47.61 -16.87
N LYS B 106 27.69 46.82 -17.37
CA LYS B 106 27.51 46.04 -18.61
C LYS B 106 26.12 45.41 -18.64
N ALA B 107 25.81 44.68 -17.57
CA ALA B 107 24.54 43.96 -17.43
C ALA B 107 23.42 44.89 -17.03
N GLN B 108 23.54 45.53 -15.86
CA GLN B 108 22.55 46.47 -15.33
C GLN B 108 21.69 47.14 -16.41
N LEU B 109 22.34 47.70 -17.42
CA LEU B 109 21.66 48.33 -18.55
C LEU B 109 20.83 47.34 -19.38
N GLN B 110 21.31 46.09 -19.47
CA GLN B 110 20.66 45.03 -20.25
C GLN B 110 19.64 44.20 -19.47
N VAL B 111 19.77 44.16 -18.15
CA VAL B 111 18.68 43.69 -17.33
C VAL B 111 17.51 44.68 -17.43
N ASP B 112 17.78 45.96 -17.26
CA ASP B 112 16.74 46.99 -17.37
C ASP B 112 16.11 47.11 -18.74
N ARG B 113 16.84 46.72 -19.79
CA ARG B 113 16.29 46.65 -21.16
C ARG B 113 15.28 45.50 -21.34
N PHE B 114 15.45 44.46 -20.52
CA PHE B 114 14.51 43.35 -20.43
C PHE B 114 13.39 43.62 -19.43
N ALA B 115 13.74 44.15 -18.26
CA ALA B 115 12.75 44.52 -17.25
C ALA B 115 11.68 45.48 -17.79
N MET B 116 12.09 46.44 -18.62
CA MET B 116 11.16 47.37 -19.28
C MET B 116 10.19 46.62 -20.20
N GLU B 117 10.71 45.63 -20.92
CA GLU B 117 9.92 44.79 -21.82
C GLU B 117 8.83 43.98 -21.06
N LEU B 118 9.19 43.46 -19.89
CA LEU B 118 8.22 42.77 -19.01
C LEU B 118 7.21 43.73 -18.40
N GLU B 119 7.71 44.79 -17.75
CA GLU B 119 6.90 45.78 -17.04
C GLU B 119 5.80 46.40 -17.91
N GLN B 120 6.17 46.82 -19.12
CA GLN B 120 5.24 47.43 -20.08
C GLN B 120 4.20 46.43 -20.59
N SER B 121 4.54 45.13 -20.59
CA SER B 121 3.59 44.05 -20.93
C SER B 121 2.89 43.37 -19.72
N ARG B 122 3.02 43.94 -18.53
CA ARG B 122 2.31 43.47 -17.33
C ARG B 122 0.81 43.47 -17.60
N ASN B 123 0.12 42.44 -17.12
CA ASN B 123 -1.32 42.25 -17.32
C ASN B 123 -2.05 42.10 -15.99
N LEU B 124 -2.85 43.08 -15.60
CA LEU B 124 -3.63 42.99 -14.36
C LEU B 124 -5.13 42.79 -14.61
N SER B 125 -5.52 42.50 -15.86
CA SER B 125 -6.96 42.37 -16.21
C SER B 125 -7.60 41.06 -15.77
N ASN B 126 -6.79 40.02 -15.57
CA ASN B 126 -7.31 38.72 -15.14
C ASN B 126 -7.44 38.57 -13.63
N THR B 127 -8.35 37.70 -13.22
CA THR B 127 -8.57 37.39 -11.81
C THR B 127 -8.28 35.90 -11.60
N ILE B 128 -7.31 35.61 -10.75
CA ILE B 128 -6.85 34.25 -10.52
C ILE B 128 -7.03 33.90 -9.03
N VAL B 129 -7.60 32.71 -8.79
CA VAL B 129 -7.87 32.22 -7.45
C VAL B 129 -7.17 30.91 -7.23
N HIS B 130 -6.29 30.86 -6.25
CA HIS B 130 -5.70 29.60 -5.85
C HIS B 130 -6.44 29.09 -4.63
N ILE B 131 -7.02 27.89 -4.74
CA ILE B 131 -7.69 27.22 -3.62
C ILE B 131 -6.78 26.15 -3.09
N ASP B 132 -6.75 26.00 -1.77
CA ASP B 132 -5.84 25.09 -1.10
C ASP B 132 -6.53 24.54 0.15
N MET B 133 -6.87 23.27 0.16
CA MET B 133 -7.57 22.67 1.29
C MET B 133 -6.71 22.73 2.52
N ASP B 134 -7.37 22.83 3.66
CA ASP B 134 -6.67 23.00 4.92
C ASP B 134 -6.44 21.62 5.51
N ALA B 135 -5.20 21.35 5.91
CA ALA B 135 -4.78 20.05 6.50
C ALA B 135 -5.45 18.84 5.84
N PHE B 136 -5.48 18.87 4.51
CA PHE B 136 -6.40 18.07 3.72
C PHE B 136 -6.60 16.65 4.20
N TYR B 137 -5.53 15.86 4.20
CA TYR B 137 -5.67 14.44 4.59
C TYR B 137 -6.13 14.34 6.03
N ALA B 138 -5.51 15.10 6.91
CA ALA B 138 -5.84 15.05 8.34
C ALA B 138 -7.25 15.55 8.64
N ALA B 139 -7.69 16.57 7.93
CA ALA B 139 -9.05 17.09 8.08
C ALA B 139 -10.14 16.06 7.71
N VAL B 140 -9.88 15.25 6.68
CA VAL B 140 -10.77 14.16 6.25
C VAL B 140 -10.88 13.02 7.29
N GLU B 141 -9.76 12.66 7.90
CA GLU B 141 -9.75 11.64 8.96
C GLU B 141 -10.35 12.16 10.27
N MET B 142 -10.22 13.46 10.50
CA MET B 142 -10.90 14.14 11.61
C MET B 142 -12.40 14.13 11.37
N ARG B 143 -12.80 14.54 10.17
CA ARG B 143 -14.21 14.59 9.79
C ARG B 143 -14.94 13.28 10.08
N ASP B 144 -14.31 12.15 9.77
CA ASP B 144 -14.99 10.85 9.82
C ASP B 144 -14.58 9.96 10.98
N ASN B 145 -13.98 10.55 12.02
CA ASN B 145 -13.75 9.86 13.28
C ASN B 145 -13.83 10.90 14.41
N PRO B 146 -15.07 11.22 14.85
CA PRO B 146 -15.24 11.93 16.13
C PRO B 146 -14.71 11.08 17.29
N GLU B 147 -13.59 11.51 17.80
CA GLU B 147 -12.82 10.85 18.84
C GLU B 147 -11.43 11.46 18.83
N LEU B 148 -11.13 12.14 17.74
CA LEU B 148 -9.95 12.88 17.45
C LEU B 148 -10.66 14.10 16.94
N LYS B 149 -10.86 15.11 17.77
CA LYS B 149 -11.56 16.30 17.34
C LYS B 149 -10.73 17.48 17.73
N ASP B 150 -10.36 17.48 19.00
CA ASP B 150 -9.53 18.51 19.58
C ASP B 150 -8.37 17.69 20.05
N LYS B 151 -7.71 17.07 19.07
CA LYS B 151 -6.57 16.20 19.31
C LYS B 151 -5.52 16.40 18.23
N PRO B 152 -4.24 16.06 18.51
CA PRO B 152 -3.21 16.22 17.50
C PRO B 152 -3.12 14.95 16.69
N ILE B 153 -3.16 15.08 15.37
CA ILE B 153 -3.05 13.92 14.52
C ILE B 153 -2.09 14.19 13.40
N ALA B 154 -1.68 13.10 12.77
CA ALA B 154 -0.96 13.15 11.50
C ALA B 154 -1.37 11.95 10.69
N VAL B 155 -1.45 12.14 9.38
CA VAL B 155 -1.74 11.06 8.47
C VAL B 155 -0.40 10.48 8.05
N GLY B 156 -0.29 9.15 8.10
CA GLY B 156 0.91 8.44 7.68
C GLY B 156 1.19 7.22 8.53
N SER B 157 2.44 6.80 8.52
CA SER B 157 2.91 5.66 9.28
C SER B 157 3.86 6.17 10.34
N MET B 158 4.44 5.25 11.09
CA MET B 158 5.53 5.55 12.02
C MET B 158 6.83 5.89 11.28
N SER B 159 6.99 5.36 10.08
CA SER B 159 8.15 5.64 9.25
C SER B 159 8.06 6.97 8.54
N MET B 160 6.85 7.45 8.21
CA MET B 160 6.71 8.73 7.48
C MET B 160 5.31 9.33 7.59
N LEU B 161 5.23 10.66 7.63
CA LEU B 161 3.97 11.40 7.69
C LEU B 161 3.74 12.26 6.44
N SER B 162 2.49 12.25 5.96
CA SER B 162 2.09 12.97 4.75
C SER B 162 1.75 14.41 5.10
N THR B 163 0.94 14.57 6.15
CA THR B 163 0.61 15.88 6.70
C THR B 163 0.28 15.76 8.19
N SER B 164 -0.01 16.92 8.81
CA SER B 164 -0.49 16.98 10.19
C SER B 164 -1.51 18.10 10.33
N ASN B 165 -2.44 17.94 11.28
CA ASN B 165 -3.43 18.99 11.55
C ASN B 165 -2.77 20.12 12.31
N TYR B 166 -3.40 21.29 12.29
CA TYR B 166 -2.82 22.51 12.86
C TYR B 166 -2.58 22.44 14.37
N HIS B 167 -3.42 21.67 15.06
CA HIS B 167 -3.17 21.33 16.45
C HIS B 167 -1.79 20.70 16.65
N ALA B 168 -1.48 19.70 15.82
CA ALA B 168 -0.21 18.99 15.90
C ALA B 168 0.95 19.86 15.41
N ARG B 169 0.69 20.66 14.37
CA ARG B 169 1.71 21.56 13.81
C ARG B 169 2.30 22.51 14.83
N ARG B 170 1.50 22.88 15.83
CA ARG B 170 2.00 23.66 16.98
C ARG B 170 3.11 22.94 17.75
N PHE B 171 3.15 21.60 17.72
CA PHE B 171 4.24 20.82 18.33
C PHE B 171 5.46 20.66 17.43
N GLY B 172 5.35 21.09 16.18
CA GLY B 172 6.43 20.99 15.21
C GLY B 172 6.39 19.78 14.32
N VAL B 173 5.33 18.97 14.43
CA VAL B 173 5.17 17.77 13.58
C VAL B 173 4.64 18.29 12.26
N ARG B 174 5.30 17.90 11.19
CA ARG B 174 5.06 18.46 9.88
C ARG B 174 5.06 17.37 8.82
N ALA B 175 4.58 17.74 7.64
CA ALA B 175 4.68 16.89 6.45
C ALA B 175 6.12 16.46 6.22
N ALA B 176 6.28 15.28 5.64
CA ALA B 176 7.59 14.72 5.30
C ALA B 176 8.44 14.41 6.53
N MET B 177 7.82 14.27 7.69
CA MET B 177 8.54 13.86 8.89
C MET B 177 8.24 12.39 9.20
N PRO B 178 9.23 11.63 9.69
CA PRO B 178 8.94 10.29 10.18
C PRO B 178 8.12 10.29 11.45
N GLY B 179 7.12 9.42 11.52
CA GLY B 179 6.24 9.34 12.68
C GLY B 179 6.97 9.16 13.99
N PHE B 180 8.01 8.32 13.99
CA PHE B 180 8.75 8.03 15.22
C PHE B 180 9.45 9.28 15.79
N ILE B 181 9.85 10.19 14.91
CA ILE B 181 10.33 11.51 15.35
C ILE B 181 9.17 12.36 15.84
N ALA B 182 8.09 12.39 15.07
CA ALA B 182 6.91 13.16 15.44
C ALA B 182 6.37 12.78 16.80
N LYS B 183 6.35 11.48 17.09
CA LYS B 183 5.85 10.98 18.39
C LYS B 183 6.72 11.43 19.56
N ARG B 184 8.02 11.61 19.33
CA ARG B 184 8.89 12.21 20.35
C ARG B 184 8.50 13.67 20.59
N LEU B 185 8.20 14.41 19.53
CA LEU B 185 7.70 15.80 19.67
C LEU B 185 6.30 15.90 20.27
N CYS B 186 5.53 14.82 20.24
CA CYS B 186 4.14 14.84 20.68
C CYS B 186 3.69 13.39 20.92
N PRO B 187 3.87 12.87 22.16
CA PRO B 187 3.48 11.49 22.45
C PRO B 187 1.98 11.21 22.34
N GLN B 188 1.15 12.23 22.56
CA GLN B 188 -0.30 12.10 22.36
C GLN B 188 -0.73 12.07 20.87
N LEU B 189 0.22 12.29 19.95
CA LEU B 189 -0.04 12.27 18.52
C LEU B 189 -0.67 10.97 18.06
N ILE B 190 -1.71 11.13 17.27
CA ILE B 190 -2.44 10.03 16.72
C ILE B 190 -2.01 9.95 15.26
N ILE B 191 -1.30 8.88 14.93
CA ILE B 191 -0.90 8.63 13.57
C ILE B 191 -1.97 7.75 12.94
N VAL B 192 -2.72 8.32 12.01
CA VAL B 192 -3.77 7.59 11.34
C VAL B 192 -3.22 7.10 10.00
N PRO B 193 -3.36 5.80 9.71
CA PRO B 193 -2.94 5.35 8.38
C PRO B 193 -3.71 6.06 7.25
N PRO B 194 -3.03 6.37 6.15
CA PRO B 194 -3.70 7.09 5.06
C PRO B 194 -4.76 6.27 4.34
N ASN B 195 -5.72 6.96 3.77
CA ASN B 195 -6.74 6.38 2.89
C ASN B 195 -6.82 7.21 1.61
N PHE B 196 -5.85 6.97 0.71
CA PHE B 196 -5.73 7.69 -0.58
C PHE B 196 -7.00 7.71 -1.43
N ASP B 197 -7.85 6.70 -1.26
CA ASP B 197 -9.10 6.60 -2.02
C ASP B 197 -10.14 7.62 -1.59
N LYS B 198 -10.33 7.77 -0.29
CA LYS B 198 -11.22 8.80 0.21
C LYS B 198 -10.77 10.17 -0.27
N TYR B 199 -9.46 10.44 -0.19
CA TYR B 199 -8.93 11.78 -0.51
C TYR B 199 -9.14 12.10 -1.96
N ARG B 200 -8.99 11.10 -2.82
CA ARG B 200 -9.39 11.22 -4.22
C ARG B 200 -10.88 11.55 -4.37
N ALA B 201 -11.70 10.86 -3.61
CA ALA B 201 -13.15 11.10 -3.61
C ALA B 201 -13.52 12.50 -3.14
N VAL B 202 -12.99 12.91 -1.99
CA VAL B 202 -13.25 14.24 -1.44
C VAL B 202 -12.84 15.30 -2.48
N SER B 203 -11.63 15.13 -2.99
CA SER B 203 -11.11 15.94 -4.08
C SER B 203 -12.06 16.04 -5.25
N LYS B 204 -12.64 14.91 -5.65
CA LYS B 204 -13.61 14.95 -6.74
C LYS B 204 -14.78 15.89 -6.43
N GLU B 205 -15.28 15.85 -5.19
CA GLU B 205 -16.40 16.70 -4.76
C GLU B 205 -16.13 18.18 -4.93
N VAL B 206 -14.94 18.61 -4.50
CA VAL B 206 -14.57 20.03 -4.58
C VAL B 206 -14.32 20.41 -6.04
N LYS B 207 -13.61 19.54 -6.78
CA LYS B 207 -13.40 19.73 -8.21
C LYS B 207 -14.71 19.91 -8.98
N GLU B 208 -15.80 19.34 -8.49
CA GLU B 208 -17.15 19.59 -9.05
C GLU B 208 -17.68 21.01 -8.78
N ILE B 209 -17.47 21.52 -7.56
CA ILE B 209 -17.79 22.93 -7.23
C ILE B 209 -16.96 23.85 -8.10
N LEU B 210 -15.64 23.73 -8.02
CA LEU B 210 -14.72 24.59 -8.77
C LEU B 210 -15.01 24.68 -10.27
N ALA B 211 -15.55 23.61 -10.84
CA ALA B 211 -15.95 23.58 -12.26
C ALA B 211 -17.03 24.61 -12.64
N ASP B 212 -17.88 25.00 -11.67
CA ASP B 212 -18.91 26.05 -11.89
C ASP B 212 -18.33 27.42 -12.23
N TYR B 213 -17.19 27.73 -11.64
CA TYR B 213 -16.62 29.07 -11.73
C TYR B 213 -15.62 29.16 -12.87
N ASP B 214 -14.81 28.11 -13.02
CA ASP B 214 -13.90 27.97 -14.15
C ASP B 214 -13.97 26.52 -14.60
N PRO B 215 -14.54 26.26 -15.79
CA PRO B 215 -14.51 24.89 -16.30
C PRO B 215 -13.10 24.38 -16.67
N ASN B 216 -12.14 25.27 -16.91
CA ASN B 216 -10.75 24.88 -17.25
C ASN B 216 -9.81 25.27 -16.11
N PHE B 217 -10.25 24.99 -14.89
CA PHE B 217 -9.43 25.16 -13.70
C PHE B 217 -8.27 24.14 -13.72
N MET B 218 -7.18 24.55 -13.10
CA MET B 218 -6.00 23.76 -13.03
C MET B 218 -5.92 23.07 -11.69
N ALA B 219 -5.99 21.75 -11.69
CA ALA B 219 -5.84 20.99 -10.45
C ALA B 219 -4.37 20.61 -10.33
N MET B 220 -3.71 21.16 -9.30
CA MET B 220 -2.27 20.91 -9.08
C MET B 220 -2.06 19.58 -8.38
N SER B 221 -2.93 19.27 -7.43
CA SER B 221 -2.95 17.96 -6.78
C SER B 221 -4.38 17.73 -6.33
N LEU B 222 -4.60 16.82 -5.39
CA LEU B 222 -5.94 16.57 -4.88
C LEU B 222 -6.48 17.84 -4.21
N ASP B 223 -5.70 18.40 -3.29
CA ASP B 223 -6.16 19.52 -2.44
C ASP B 223 -6.13 20.93 -3.10
N GLU B 224 -5.51 21.04 -4.26
CA GLU B 224 -5.22 22.35 -4.84
C GLU B 224 -5.82 22.57 -6.19
N ALA B 225 -6.10 23.83 -6.47
CA ALA B 225 -6.44 24.27 -7.82
C ALA B 225 -6.31 25.77 -8.02
N TYR B 226 -5.94 26.15 -9.24
CA TYR B 226 -6.01 27.53 -9.70
C TYR B 226 -7.30 27.65 -10.49
N LEU B 227 -7.94 28.81 -10.40
CA LEU B 227 -9.14 29.12 -11.20
C LEU B 227 -8.97 30.50 -11.83
N ASN B 228 -9.33 30.61 -13.09
CA ASN B 228 -9.44 31.90 -13.76
C ASN B 228 -10.92 32.33 -13.81
N ILE B 229 -11.33 33.06 -12.78
CA ILE B 229 -12.72 33.50 -12.62
C ILE B 229 -13.01 34.88 -13.25
N THR B 230 -12.14 35.37 -14.13
CA THR B 230 -12.35 36.63 -14.84
C THR B 230 -13.68 36.57 -15.60
N LYS B 231 -13.82 35.54 -16.43
CA LYS B 231 -15.01 35.35 -17.28
C LYS B 231 -16.32 35.15 -16.51
N HIS B 232 -16.28 34.32 -15.48
CA HIS B 232 -17.40 34.18 -14.54
C HIS B 232 -17.81 35.51 -13.87
N LEU B 233 -16.82 36.32 -13.46
CA LEU B 233 -17.09 37.62 -12.81
C LEU B 233 -17.81 38.61 -13.74
N GLU B 234 -17.45 38.60 -15.04
CA GLU B 234 -18.14 39.40 -16.07
C GLU B 234 -19.64 39.05 -16.17
N GLU B 235 -19.94 37.75 -16.18
CA GLU B 235 -21.33 37.24 -16.21
C GLU B 235 -22.07 37.45 -14.90
N ARG B 236 -21.36 37.27 -13.78
CA ARG B 236 -21.93 37.50 -12.44
C ARG B 236 -22.23 38.97 -12.07
N GLN B 237 -21.60 39.93 -12.75
CA GLN B 237 -21.96 41.36 -12.62
C GLN B 237 -23.50 41.62 -12.74
N ASN B 238 -24.14 41.04 -13.76
CA ASN B 238 -25.59 41.17 -13.99
C ASN B 238 -26.44 39.90 -13.68
N TRP B 239 -26.09 39.19 -12.60
CA TRP B 239 -26.88 38.04 -12.12
C TRP B 239 -27.93 38.54 -11.14
N PRO B 240 -29.08 37.84 -11.07
CA PRO B 240 -30.02 38.10 -9.96
C PRO B 240 -29.55 37.41 -8.68
N GLU B 241 -30.17 37.76 -7.56
CA GLU B 241 -29.85 37.15 -6.26
C GLU B 241 -30.25 35.66 -6.14
N ASP B 242 -31.13 35.20 -7.04
CA ASP B 242 -31.50 33.77 -7.17
C ASP B 242 -30.28 32.91 -7.54
N LYS B 243 -29.67 33.26 -8.67
CA LYS B 243 -28.51 32.54 -9.20
C LYS B 243 -27.33 32.42 -8.23
N ARG B 244 -27.22 33.34 -7.28
CA ARG B 244 -26.12 33.34 -6.31
C ARG B 244 -26.69 33.36 -4.90
N ARG B 245 -27.57 32.39 -4.66
CA ARG B 245 -28.14 32.14 -3.34
C ARG B 245 -28.06 30.65 -3.01
N TYR B 246 -27.51 30.31 -1.82
CA TYR B 246 -27.31 28.90 -1.39
C TYR B 246 -27.85 28.58 0.01
N PHE B 247 -28.51 27.41 0.09
CA PHE B 247 -29.16 26.92 1.31
C PHE B 247 -28.23 25.96 2.05
N ILE B 248 -28.07 26.23 3.35
CA ILE B 248 -27.24 25.49 4.33
C ILE B 248 -27.61 23.98 4.32
N LYS B 249 -26.74 23.13 4.89
CA LYS B 249 -27.01 21.67 5.06
C LYS B 249 -28.32 21.33 5.81
N ASN B 307 -32.98 29.10 7.46
CA ASN B 307 -31.69 29.70 7.10
C ASN B 307 -31.43 29.65 5.57
N SER B 308 -30.78 30.69 5.05
CA SER B 308 -30.39 30.75 3.63
C SER B 308 -29.28 31.79 3.43
N VAL B 309 -28.71 31.82 2.23
CA VAL B 309 -27.70 32.85 1.87
C VAL B 309 -27.55 33.04 0.37
N VAL B 310 -27.25 34.29 -0.02
CA VAL B 310 -26.74 34.65 -1.33
C VAL B 310 -25.63 35.68 -1.13
N PHE B 311 -24.65 35.72 -2.03
CA PHE B 311 -23.46 36.58 -1.86
C PHE B 311 -23.43 37.69 -2.93
N GLY B 312 -22.38 38.50 -2.88
CA GLY B 312 -22.19 39.64 -3.78
C GLY B 312 -21.58 39.29 -5.13
N THR B 313 -21.39 40.33 -5.94
CA THR B 313 -20.97 40.20 -7.34
C THR B 313 -19.43 40.26 -7.51
N SER B 314 -18.72 40.59 -6.44
CA SER B 314 -17.26 40.83 -6.48
C SER B 314 -16.45 39.55 -6.42
N ALA B 315 -15.17 39.67 -6.78
CA ALA B 315 -14.20 38.59 -6.71
C ALA B 315 -14.09 38.03 -5.29
N GLN B 316 -13.89 38.92 -4.31
CA GLN B 316 -13.89 38.54 -2.88
C GLN B 316 -15.11 37.72 -2.47
N GLU B 317 -16.28 38.09 -2.99
CA GLU B 317 -17.52 37.38 -2.69
C GLU B 317 -17.64 36.04 -3.41
N VAL B 318 -17.25 35.98 -4.68
CA VAL B 318 -17.27 34.72 -5.42
C VAL B 318 -16.50 33.65 -4.65
N VAL B 319 -15.34 34.04 -4.12
CA VAL B 319 -14.46 33.12 -3.41
C VAL B 319 -15.06 32.71 -2.05
N LYS B 320 -15.73 33.64 -1.36
CA LYS B 320 -16.52 33.30 -0.15
C LYS B 320 -17.59 32.24 -0.45
N GLU B 321 -18.22 32.34 -1.61
CA GLU B 321 -19.21 31.38 -2.10
C GLU B 321 -18.59 30.01 -2.42
N ILE B 322 -17.43 30.02 -3.06
CA ILE B 322 -16.69 28.78 -3.33
C ILE B 322 -16.30 28.10 -2.02
N ARG B 323 -15.67 28.85 -1.12
CA ARG B 323 -15.23 28.30 0.17
C ARG B 323 -16.38 27.84 1.06
N PHE B 324 -17.51 28.50 0.96
CA PHE B 324 -18.73 28.06 1.64
C PHE B 324 -19.22 26.73 1.08
N ARG B 325 -19.49 26.68 -0.22
CA ARG B 325 -19.98 25.47 -0.91
C ARG B 325 -19.13 24.24 -0.64
N ILE B 326 -17.81 24.44 -0.63
CA ILE B 326 -16.84 23.41 -0.23
C ILE B 326 -17.12 22.92 1.19
N GLU B 327 -17.31 23.84 2.13
CA GLU B 327 -17.52 23.48 3.54
C GLU B 327 -18.83 22.77 3.79
N GLN B 328 -19.89 23.14 3.10
CA GLN B 328 -21.15 22.44 3.29
C GLN B 328 -21.11 21.05 2.63
N LYS B 329 -20.50 20.94 1.45
CA LYS B 329 -20.47 19.69 0.68
C LYS B 329 -19.58 18.61 1.30
N THR B 330 -18.37 19.02 1.68
CA THR B 330 -17.37 18.11 2.21
C THR B 330 -17.24 18.17 3.74
N THR B 331 -17.85 19.18 4.36
CA THR B 331 -17.57 19.55 5.77
C THR B 331 -16.08 19.80 6.05
N LEU B 332 -15.38 20.39 5.07
CA LEU B 332 -13.95 20.72 5.19
C LEU B 332 -13.69 22.14 4.71
N THR B 333 -12.76 22.83 5.37
CA THR B 333 -12.43 24.21 5.03
C THR B 333 -11.31 24.24 4.00
N ALA B 334 -11.29 25.34 3.23
CA ALA B 334 -10.20 25.64 2.30
C ALA B 334 -9.71 27.07 2.57
N SER B 335 -8.52 27.40 2.07
CA SER B 335 -8.06 28.79 2.01
C SER B 335 -7.91 29.17 0.56
N ALA B 336 -7.89 30.47 0.30
CA ALA B 336 -7.86 30.95 -1.08
C ALA B 336 -7.04 32.23 -1.23
N GLY B 337 -6.57 32.44 -2.45
CA GLY B 337 -5.80 33.63 -2.81
C GLY B 337 -6.39 34.22 -4.07
N ILE B 338 -6.43 35.56 -4.13
CA ILE B 338 -6.95 36.27 -5.30
C ILE B 338 -5.91 37.29 -5.73
N ALA B 339 -5.62 37.31 -7.02
CA ALA B 339 -4.56 38.16 -7.53
C ALA B 339 -4.62 38.19 -9.05
N PRO B 340 -3.84 39.07 -9.68
CA PRO B 340 -3.85 39.11 -11.15
C PRO B 340 -3.05 38.01 -11.87
N ASN B 341 -2.21 37.27 -11.14
CA ASN B 341 -1.48 36.12 -11.69
C ASN B 341 -1.37 34.93 -10.72
N THR B 342 -0.96 33.78 -11.24
CA THR B 342 -0.89 32.55 -10.44
C THR B 342 0.11 32.64 -9.32
N MET B 343 1.30 33.13 -9.64
CA MET B 343 2.40 33.22 -8.70
C MET B 343 1.95 33.94 -7.43
N LEU B 344 1.38 35.12 -7.63
CA LEU B 344 0.84 35.91 -6.55
C LEU B 344 -0.26 35.15 -5.84
N ALA B 345 -1.25 34.70 -6.60
CA ALA B 345 -2.40 33.97 -6.05
C ALA B 345 -1.96 32.88 -5.05
N LYS B 346 -1.03 32.04 -5.52
CA LYS B 346 -0.45 30.96 -4.72
C LYS B 346 0.09 31.45 -3.38
N VAL B 347 0.77 32.59 -3.41
CA VAL B 347 1.37 33.15 -2.21
C VAL B 347 0.30 33.65 -1.26
N CYS B 348 -0.64 34.47 -1.78
CA CYS B 348 -1.72 35.01 -0.94
C CYS B 348 -2.75 33.95 -0.50
N SER B 349 -2.76 32.81 -1.16
CA SER B 349 -3.49 31.65 -0.66
C SER B 349 -3.00 31.16 0.71
N ASP B 350 -1.69 31.14 0.92
CA ASP B 350 -1.09 30.73 2.21
C ASP B 350 -1.02 31.86 3.26
N LYS B 351 -1.39 33.08 2.87
CA LYS B 351 -1.42 34.25 3.77
C LYS B 351 -2.41 34.06 4.91
N ASN B 352 -3.69 33.92 4.56
CA ASN B 352 -4.77 33.72 5.55
C ASN B 352 -5.21 32.26 5.55
N LYS B 353 -4.25 31.36 5.76
CA LYS B 353 -4.51 29.92 5.96
C LYS B 353 -4.41 29.63 7.47
N PRO B 354 -5.34 28.81 8.01
CA PRO B 354 -6.45 28.10 7.38
C PRO B 354 -7.76 28.88 7.35
N ASN B 355 -8.61 28.51 6.40
CA ASN B 355 -9.98 29.01 6.32
C ASN B 355 -10.07 30.53 6.19
N GLY B 356 -9.30 31.07 5.24
CA GLY B 356 -9.33 32.50 4.93
C GLY B 356 -8.85 32.83 3.53
N GLN B 357 -9.08 34.08 3.16
CA GLN B 357 -8.77 34.60 1.82
C GLN B 357 -7.79 35.75 1.90
N TYR B 358 -7.28 36.14 0.74
CA TYR B 358 -6.58 37.40 0.58
C TYR B 358 -6.60 37.80 -0.88
N GLN B 359 -6.84 39.08 -1.13
CA GLN B 359 -6.80 39.61 -2.48
C GLN B 359 -5.67 40.61 -2.60
N ILE B 360 -4.95 40.49 -3.71
CA ILE B 360 -4.11 41.55 -4.22
C ILE B 360 -4.95 42.13 -5.34
N LEU B 361 -5.43 43.35 -5.11
CA LEU B 361 -6.24 44.07 -6.10
C LEU B 361 -5.48 44.31 -7.39
N PRO B 362 -6.19 44.37 -8.53
CA PRO B 362 -5.52 44.44 -9.82
C PRO B 362 -5.02 45.85 -10.22
N ASN B 363 -4.26 46.49 -9.34
CA ASN B 363 -3.53 47.72 -9.67
C ASN B 363 -2.06 47.50 -9.34
N ARG B 364 -1.20 48.14 -10.14
CA ARG B 364 0.24 47.98 -10.02
C ARG B 364 0.77 48.34 -8.63
N GLN B 365 0.16 49.34 -7.99
CA GLN B 365 0.60 49.81 -6.69
C GLN B 365 0.40 48.75 -5.61
N ALA B 366 -0.77 48.13 -5.60
CA ALA B 366 -1.09 47.06 -4.64
C ALA B 366 -0.17 45.84 -4.79
N VAL B 367 0.11 45.47 -6.05
CA VAL B 367 1.07 44.41 -6.37
C VAL B 367 2.39 44.68 -5.67
N MET B 368 2.94 45.87 -5.94
CA MET B 368 4.25 46.29 -5.42
C MET B 368 4.30 46.46 -3.90
N ASP B 369 3.18 46.87 -3.31
CA ASP B 369 3.06 46.96 -1.86
C ASP B 369 3.10 45.59 -1.20
N PHE B 370 2.50 44.59 -1.85
CA PHE B 370 2.55 43.20 -1.36
C PHE B 370 3.94 42.58 -1.52
N ILE B 371 4.53 42.79 -2.68
CA ILE B 371 5.84 42.26 -2.97
C ILE B 371 6.89 42.72 -2.00
N LYS B 372 7.02 44.04 -1.89
CA LYS B 372 8.03 44.63 -1.02
C LYS B 372 8.07 43.95 0.31
N ASP B 373 9.21 43.35 0.60
CA ASP B 373 9.43 42.66 1.85
C ASP B 373 8.94 41.23 1.86
N LEU B 374 8.17 40.84 0.87
CA LEU B 374 7.80 39.44 0.86
C LEU B 374 9.10 38.66 0.86
N PRO B 375 9.31 37.78 1.86
CA PRO B 375 10.49 36.89 1.80
C PRO B 375 10.44 35.94 0.60
N ILE B 376 11.53 35.86 -0.15
CA ILE B 376 11.53 35.14 -1.42
C ILE B 376 11.10 33.69 -1.26
N ARG B 377 11.46 33.10 -0.12
CA ARG B 377 11.11 31.72 0.23
C ARG B 377 9.63 31.39 0.08
N LYS B 378 8.78 32.38 0.37
CA LYS B 378 7.35 32.17 0.28
C LYS B 378 6.85 32.03 -1.13
N VAL B 379 7.66 32.39 -2.12
CA VAL B 379 7.28 32.17 -3.50
C VAL B 379 7.44 30.69 -3.85
N SER B 380 6.53 30.20 -4.70
CA SER B 380 6.57 28.82 -5.15
C SER B 380 7.69 28.70 -6.16
N GLY B 381 8.67 27.84 -5.86
CA GLY B 381 9.83 27.58 -6.72
C GLY B 381 11.14 28.07 -6.11
N ILE B 382 11.06 28.83 -5.02
CA ILE B 382 12.19 29.17 -4.18
C ILE B 382 12.16 28.26 -2.96
N GLY B 383 13.11 27.34 -2.89
CA GLY B 383 13.20 26.38 -1.80
C GLY B 383 14.36 26.61 -0.84
N LYS B 384 14.75 25.55 -0.14
CA LYS B 384 15.75 25.60 0.92
C LYS B 384 17.08 26.09 0.39
N VAL B 385 17.47 25.58 -0.76
CA VAL B 385 18.76 25.88 -1.34
C VAL B 385 18.80 27.28 -1.93
N THR B 386 17.83 27.60 -2.78
CA THR B 386 17.81 28.90 -3.46
C THR B 386 17.63 30.05 -2.44
N GLU B 387 16.95 29.79 -1.32
CA GLU B 387 16.95 30.75 -0.23
C GLU B 387 18.35 30.99 0.30
N LYS B 388 19.03 29.93 0.73
CA LYS B 388 20.39 29.99 1.30
C LYS B 388 21.44 30.57 0.34
N MET B 389 21.30 30.34 -0.97
CA MET B 389 22.19 30.94 -1.97
C MET B 389 21.95 32.43 -2.08
N LEU B 390 20.68 32.80 -2.27
CA LEU B 390 20.30 34.20 -2.41
C LEU B 390 20.51 34.97 -1.11
N LYS B 391 20.41 34.29 0.03
CA LYS B 391 20.74 34.93 1.31
C LYS B 391 22.20 35.35 1.40
N ALA B 392 23.10 34.50 0.91
CA ALA B 392 24.53 34.81 0.93
C ALA B 392 24.89 36.05 0.11
N LEU B 393 24.05 36.41 -0.86
CA LEU B 393 24.17 37.67 -1.62
C LEU B 393 23.37 38.83 -0.99
N GLY B 394 22.99 38.67 0.28
CA GLY B 394 22.20 39.67 1.01
C GLY B 394 20.71 39.71 0.70
N ILE B 395 20.23 38.83 -0.17
CA ILE B 395 18.88 38.92 -0.69
C ILE B 395 17.98 38.08 0.21
N ILE B 396 16.95 38.73 0.76
CA ILE B 396 15.91 38.06 1.55
C ILE B 396 14.49 38.39 1.08
N THR B 397 14.20 39.67 0.81
CA THR B 397 12.90 40.10 0.29
C THR B 397 12.94 40.29 -1.21
N CYS B 398 11.77 40.42 -1.82
CA CYS B 398 11.65 40.49 -3.27
C CYS B 398 12.09 41.81 -3.89
N THR B 399 12.19 42.85 -3.07
CA THR B 399 12.76 44.13 -3.53
C THR B 399 14.29 44.06 -3.57
N GLU B 400 14.88 43.42 -2.56
CA GLU B 400 16.32 43.11 -2.61
C GLU B 400 16.66 42.24 -3.84
N LEU B 401 15.75 41.32 -4.18
CA LEU B 401 15.87 40.52 -5.40
C LEU B 401 15.82 41.40 -6.64
N TYR B 402 15.00 42.46 -6.59
CA TYR B 402 14.98 43.46 -7.65
C TYR B 402 16.26 44.26 -7.74
N GLN B 403 16.72 44.76 -6.60
CA GLN B 403 17.92 45.59 -6.57
C GLN B 403 19.17 44.91 -7.15
N GLN B 404 19.34 43.63 -6.82
CA GLN B 404 20.54 42.89 -7.23
C GLN B 404 20.48 42.37 -8.66
N ARG B 405 19.39 42.65 -9.37
CA ARG B 405 19.08 42.01 -10.65
C ARG B 405 20.18 41.96 -11.69
N ALA B 406 21.08 42.93 -11.67
CA ALA B 406 22.25 42.89 -12.53
C ALA B 406 23.19 41.76 -12.12
N LEU B 407 23.60 41.79 -10.85
CA LEU B 407 24.50 40.79 -10.28
C LEU B 407 23.98 39.39 -10.57
N LEU B 408 22.69 39.19 -10.32
CA LEU B 408 22.02 37.91 -10.55
C LEU B 408 22.05 37.45 -12.01
N SER B 409 22.13 38.38 -12.95
CA SER B 409 22.29 38.02 -14.36
C SER B 409 23.72 37.61 -14.74
N LEU B 410 24.67 37.76 -13.81
CA LEU B 410 26.03 37.24 -13.99
C LEU B 410 26.39 36.03 -13.13
N LEU B 411 25.68 35.83 -12.03
CA LEU B 411 25.85 34.65 -11.18
C LEU B 411 24.94 33.46 -11.52
N PHE B 412 23.77 33.71 -12.10
CA PHE B 412 22.82 32.64 -12.41
C PHE B 412 22.60 32.44 -13.90
N SER B 413 21.99 31.31 -14.21
CA SER B 413 21.66 30.95 -15.58
C SER B 413 20.54 31.82 -16.05
N GLU B 414 20.43 31.94 -17.37
CA GLU B 414 19.41 32.78 -17.97
C GLU B 414 18.04 32.56 -17.32
N THR B 415 17.63 31.29 -17.30
CA THR B 415 16.30 30.92 -16.86
C THR B 415 16.05 31.22 -15.40
N SER B 416 17.08 31.10 -14.56
CA SER B 416 16.94 31.42 -13.15
C SER B 416 16.76 32.91 -12.87
N TRP B 417 17.60 33.76 -13.47
CA TRP B 417 17.51 35.20 -13.23
C TRP B 417 16.31 35.83 -13.93
N HIS B 418 15.94 35.30 -15.10
CA HIS B 418 14.65 35.61 -15.74
C HIS B 418 13.47 35.28 -14.86
N TYR B 419 13.56 34.17 -14.15
CA TYR B 419 12.57 33.78 -13.16
C TYR B 419 12.65 34.67 -11.91
N PHE B 420 13.86 34.99 -11.45
CA PHE B 420 14.02 35.90 -10.31
C PHE B 420 13.48 37.29 -10.59
N LEU B 421 13.61 37.74 -11.83
CA LEU B 421 13.10 39.06 -12.20
C LEU B 421 11.58 39.12 -12.19
N HIS B 422 10.94 38.13 -12.79
CA HIS B 422 9.49 38.00 -12.74
C HIS B 422 8.98 38.10 -11.32
N ILE B 423 9.63 37.39 -10.41
CA ILE B 423 9.24 37.43 -8.99
C ILE B 423 9.48 38.81 -8.40
N SER B 424 10.62 39.40 -8.75
CA SER B 424 10.97 40.74 -8.29
C SER B 424 9.93 41.78 -8.68
N LEU B 425 9.34 41.62 -9.87
CA LEU B 425 8.32 42.55 -10.38
C LEU B 425 6.87 42.17 -10.04
N GLY B 426 6.67 41.08 -9.28
CA GLY B 426 5.34 40.56 -8.98
C GLY B 426 4.58 39.98 -10.17
N LEU B 427 5.30 39.40 -11.13
CA LEU B 427 4.71 38.84 -12.37
C LEU B 427 4.69 37.32 -12.33
N GLY B 428 3.96 36.76 -13.28
CA GLY B 428 3.80 35.31 -13.33
C GLY B 428 2.88 34.88 -14.46
N SER B 429 1.97 33.95 -14.15
CA SER B 429 1.04 33.37 -15.14
C SER B 429 -0.29 34.06 -15.06
N THR B 430 -0.93 34.24 -16.21
CA THR B 430 -2.27 34.81 -16.30
C THR B 430 -3.18 34.05 -17.32
N HIS B 431 -2.82 32.80 -17.67
CA HIS B 431 -3.62 31.99 -18.61
C HIS B 431 -3.36 30.51 -18.33
N LEU B 432 -4.30 29.88 -17.62
CA LEU B 432 -4.06 28.54 -17.06
C LEU B 432 -3.83 27.51 -18.17
N THR B 433 -2.55 27.21 -18.43
CA THR B 433 -2.13 26.16 -19.38
C THR B 433 -3.08 24.98 -19.20
N ARG B 434 -3.86 24.70 -20.25
CA ARG B 434 -4.86 23.61 -20.22
C ARG B 434 -4.13 22.26 -20.25
N ASP B 435 -3.73 21.82 -19.06
CA ASP B 435 -2.80 20.68 -18.81
C ASP B 435 -2.45 19.78 -20.00
N GLY B 436 -1.20 19.86 -20.48
CA GLY B 436 -0.69 18.94 -21.50
C GLY B 436 -0.49 17.52 -20.96
N GLU B 437 0.25 16.72 -21.73
CA GLU B 437 0.42 15.28 -21.43
C GLU B 437 1.84 14.97 -20.96
N ARG B 438 1.89 14.15 -19.91
CA ARG B 438 3.12 13.74 -19.19
C ARG B 438 4.43 13.42 -19.95
N LYS B 439 5.53 13.80 -19.32
CA LYS B 439 6.87 13.65 -19.84
C LYS B 439 7.57 12.38 -19.32
N SER B 440 7.16 11.89 -18.15
CA SER B 440 7.71 10.66 -17.59
C SER B 440 6.70 9.94 -16.68
N MET B 441 6.92 8.65 -16.51
CA MET B 441 6.17 7.85 -15.57
C MET B 441 7.18 6.96 -14.85
N SER B 442 6.98 6.77 -13.55
CA SER B 442 7.94 6.02 -12.76
C SER B 442 7.30 5.25 -11.63
N VAL B 443 8.02 4.25 -11.15
CA VAL B 443 7.72 3.58 -9.90
C VAL B 443 9.01 3.45 -9.13
N GLU B 444 8.94 3.68 -7.83
CA GLU B 444 10.04 3.40 -6.95
C GLU B 444 9.49 2.88 -5.66
N ARG B 445 10.33 2.23 -4.89
CA ARG B 445 9.90 1.70 -3.60
C ARG B 445 11.05 1.59 -2.60
N THR B 446 10.79 1.97 -1.36
CA THR B 446 11.75 1.79 -0.29
C THR B 446 11.51 0.43 0.36
N PHE B 447 12.56 -0.15 0.93
CA PHE B 447 12.44 -1.42 1.66
C PHE B 447 13.61 -1.60 2.60
N SER B 448 13.45 -2.48 3.59
CA SER B 448 14.56 -2.93 4.40
C SER B 448 15.59 -3.53 3.48
N GLU B 449 16.85 -3.45 3.87
CA GLU B 449 17.98 -3.72 2.99
C GLU B 449 17.85 -4.96 2.12
N ILE B 450 18.25 -4.84 0.86
CA ILE B 450 18.35 -5.96 -0.07
C ILE B 450 19.75 -5.98 -0.65
N ASN B 451 20.48 -7.06 -0.39
CA ASN B 451 21.83 -7.21 -0.92
C ASN B 451 22.08 -8.41 -1.83
N LYS B 452 21.21 -9.42 -1.80
CA LYS B 452 21.36 -10.51 -2.75
C LYS B 452 20.99 -10.05 -4.15
N ALA B 453 21.89 -10.29 -5.10
CA ALA B 453 21.69 -9.88 -6.47
C ALA B 453 20.40 -10.43 -7.02
N GLU B 454 20.18 -11.74 -6.89
CA GLU B 454 18.98 -12.35 -7.47
C GLU B 454 17.69 -11.71 -6.97
N GLU B 455 17.69 -11.23 -5.73
CA GLU B 455 16.54 -10.53 -5.17
C GLU B 455 16.37 -9.15 -5.77
N GLN B 456 17.49 -8.49 -6.06
CA GLN B 456 17.47 -7.18 -6.70
C GLN B 456 16.96 -7.24 -8.13
N TYR B 457 17.38 -8.25 -8.88
CA TYR B 457 16.85 -8.48 -10.23
C TYR B 457 15.35 -8.78 -10.24
N SER B 458 14.89 -9.53 -9.24
CA SER B 458 13.46 -9.80 -9.08
C SER B 458 12.70 -8.51 -8.78
N LEU B 459 13.26 -7.73 -7.87
CA LEU B 459 12.61 -6.52 -7.45
C LEU B 459 12.57 -5.52 -8.57
N CYS B 460 13.63 -5.49 -9.37
CA CYS B 460 13.66 -4.69 -10.58
C CYS B 460 12.63 -5.18 -11.59
N GLN B 461 12.54 -6.49 -11.74
CA GLN B 461 11.56 -7.09 -12.63
C GLN B 461 10.14 -6.77 -12.22
N GLU B 462 9.88 -6.76 -10.91
CA GLU B 462 8.56 -6.45 -10.39
C GLU B 462 8.15 -5.00 -10.69
N LEU B 463 9.05 -4.07 -10.40
CA LEU B 463 8.80 -2.68 -10.65
C LEU B 463 8.59 -2.46 -12.12
N CYS B 464 9.45 -3.03 -12.96
CA CYS B 464 9.27 -2.98 -14.41
C CYS B 464 7.89 -3.47 -14.84
N SER B 465 7.38 -4.51 -14.21
CA SER B 465 6.02 -4.97 -14.47
C SER B 465 4.98 -3.93 -14.08
N GLU B 466 5.12 -3.35 -12.89
CA GLU B 466 4.17 -2.34 -12.41
C GLU B 466 4.14 -1.12 -13.31
N LEU B 467 5.32 -0.67 -13.73
CA LEU B 467 5.43 0.47 -14.60
C LEU B 467 4.77 0.17 -15.93
N ALA B 468 5.11 -0.98 -16.52
CA ALA B 468 4.47 -1.41 -17.77
C ALA B 468 2.95 -1.36 -17.66
N GLN B 469 2.42 -1.79 -16.52
CA GLN B 469 0.97 -1.81 -16.26
C GLN B 469 0.38 -0.41 -16.19
N ASP B 470 1.13 0.55 -15.64
CA ASP B 470 0.71 1.95 -15.61
C ASP B 470 0.75 2.60 -16.98
N LEU B 471 1.74 2.23 -17.81
CA LEU B 471 1.79 2.71 -19.19
C LEU B 471 0.62 2.19 -19.98
N GLN B 472 0.29 0.92 -19.74
CA GLN B 472 -0.85 0.25 -20.36
C GLN B 472 -2.16 1.06 -20.23
N LYS B 473 -2.40 1.55 -19.01
CA LYS B 473 -3.54 2.46 -18.72
C LYS B 473 -3.67 3.60 -19.73
N GLU B 474 -2.62 4.38 -19.87
CA GLU B 474 -2.62 5.59 -20.72
C GLU B 474 -2.15 5.33 -22.14
N ARG B 475 -1.88 4.06 -22.47
CA ARG B 475 -1.38 3.67 -23.78
C ARG B 475 -0.18 4.53 -24.17
N LEU B 476 0.88 4.39 -23.39
CA LEU B 476 2.11 5.15 -23.56
C LEU B 476 3.25 4.23 -23.88
N LYS B 477 4.20 4.74 -24.65
CA LYS B 477 5.46 4.05 -24.88
C LYS B 477 6.60 5.08 -24.87
N GLY B 478 7.73 4.71 -24.28
CA GLY B 478 8.89 5.61 -24.15
C GLY B 478 10.18 4.98 -24.57
N ARG B 479 11.21 5.82 -24.69
CA ARG B 479 12.50 5.39 -25.23
C ARG B 479 13.63 5.37 -24.21
N THR B 480 13.46 6.07 -23.10
CA THR B 480 14.52 6.15 -22.12
C THR B 480 14.06 5.45 -20.87
N VAL B 481 14.85 4.47 -20.44
CA VAL B 481 14.61 3.73 -19.22
C VAL B 481 15.69 4.17 -18.26
N THR B 482 15.28 4.52 -17.05
CA THR B 482 16.18 5.04 -16.04
C THR B 482 15.93 4.25 -14.78
N ILE B 483 16.93 3.54 -14.27
CA ILE B 483 16.81 2.94 -12.95
C ILE B 483 17.34 3.91 -11.95
N LYS B 484 16.81 3.85 -10.74
CA LYS B 484 17.29 4.63 -9.63
C LYS B 484 17.64 3.62 -8.58
N LEU B 485 18.77 3.82 -7.91
CA LEU B 485 19.21 2.95 -6.84
C LEU B 485 19.67 3.81 -5.69
N LYS B 486 19.16 3.55 -4.49
CA LYS B 486 19.61 4.28 -3.31
C LYS B 486 20.15 3.28 -2.31
N ASN B 487 21.43 3.41 -1.97
CA ASN B 487 22.05 2.49 -1.03
C ASN B 487 21.69 2.81 0.40
N VAL B 488 22.06 1.92 1.31
CA VAL B 488 21.71 2.08 2.73
C VAL B 488 22.23 3.36 3.39
N ASN B 489 23.14 4.07 2.71
CA ASN B 489 23.59 5.41 3.12
C ASN B 489 22.89 6.57 2.46
N PHE B 490 21.74 6.31 1.83
CA PHE B 490 20.92 7.33 1.17
C PHE B 490 21.57 8.03 -0.04
N GLU B 491 22.63 7.44 -0.58
CA GLU B 491 23.29 7.97 -1.75
C GLU B 491 22.54 7.44 -2.94
N VAL B 492 22.17 8.33 -3.86
CA VAL B 492 21.29 7.99 -4.98
C VAL B 492 22.04 7.99 -6.29
N LYS B 493 21.93 6.91 -7.04
CA LYS B 493 22.43 6.86 -8.40
C LYS B 493 21.23 6.79 -9.30
N THR B 494 21.33 7.41 -10.46
CA THR B 494 20.40 7.14 -11.53
C THR B 494 21.23 6.68 -12.69
N ARG B 495 20.80 5.63 -13.37
CA ARG B 495 21.49 5.16 -14.55
C ARG B 495 20.45 5.03 -15.62
N ALA B 496 20.70 5.66 -16.76
CA ALA B 496 19.74 5.71 -17.81
C ALA B 496 20.32 5.05 -19.03
N SER B 497 19.42 4.73 -19.95
CA SER B 497 19.81 4.25 -21.25
C SER B 497 18.66 4.52 -22.18
N THR B 498 18.97 5.11 -23.31
CA THR B 498 17.98 5.41 -24.34
C THR B 498 18.13 4.37 -25.43
N VAL B 499 17.00 4.07 -26.05
CA VAL B 499 16.90 3.06 -27.09
C VAL B 499 16.26 3.72 -28.34
N SER B 500 16.58 3.19 -29.52
CA SER B 500 16.04 3.72 -30.78
C SER B 500 14.51 3.54 -30.79
N SER B 501 14.05 2.29 -30.82
CA SER B 501 12.62 2.00 -30.87
C SER B 501 12.01 2.19 -29.50
N VAL B 502 10.79 2.71 -29.47
CA VAL B 502 10.06 2.94 -28.24
C VAL B 502 9.69 1.60 -27.59
N VAL B 503 9.69 1.53 -26.26
CA VAL B 503 9.38 0.28 -25.53
C VAL B 503 8.19 0.46 -24.62
N SER B 504 7.66 -0.65 -24.08
CA SER B 504 6.46 -0.60 -23.25
C SER B 504 6.17 -1.81 -22.37
N THR B 505 6.46 -3.02 -22.83
CA THR B 505 6.17 -4.23 -22.05
C THR B 505 7.13 -4.46 -20.89
N ALA B 506 6.66 -5.18 -19.89
CA ALA B 506 7.46 -5.50 -18.73
C ALA B 506 8.76 -6.19 -19.09
N GLU B 507 8.73 -6.97 -20.17
CA GLU B 507 9.91 -7.70 -20.64
C GLU B 507 10.91 -6.73 -21.22
N GLU B 508 10.43 -5.84 -22.07
CA GLU B 508 11.30 -4.87 -22.73
C GLU B 508 11.91 -3.91 -21.74
N ILE B 509 11.09 -3.40 -20.83
CA ILE B 509 11.58 -2.48 -19.82
C ILE B 509 12.56 -3.21 -18.93
N PHE B 510 12.23 -4.43 -18.54
CA PHE B 510 13.13 -5.21 -17.69
C PHE B 510 14.45 -5.54 -18.40
N ALA B 511 14.38 -5.81 -19.70
CA ALA B 511 15.60 -6.11 -20.49
C ALA B 511 16.67 -5.05 -20.35
N ILE B 512 16.22 -3.80 -20.45
CA ILE B 512 17.08 -2.64 -20.39
C ILE B 512 17.53 -2.43 -18.97
N ALA B 513 16.56 -2.30 -18.06
CA ALA B 513 16.83 -2.08 -16.65
C ALA B 513 17.76 -3.13 -16.04
N LYS B 514 17.56 -4.39 -16.44
CA LYS B 514 18.38 -5.53 -16.04
C LYS B 514 19.84 -5.16 -16.17
N GLU B 515 20.24 -4.80 -17.39
CA GLU B 515 21.63 -4.53 -17.69
C GLU B 515 22.18 -3.33 -16.94
N LEU B 516 21.38 -2.29 -16.83
CA LEU B 516 21.79 -1.10 -16.09
C LEU B 516 22.10 -1.51 -14.67
N LEU B 517 21.24 -2.37 -14.12
CA LEU B 517 21.44 -2.88 -12.77
C LEU B 517 22.66 -3.82 -12.70
N LYS B 518 22.81 -4.69 -13.71
CA LYS B 518 23.97 -5.60 -13.79
C LYS B 518 25.27 -4.86 -13.70
N THR B 519 25.40 -3.82 -14.54
CA THR B 519 26.59 -2.95 -14.58
C THR B 519 26.96 -2.40 -13.23
N GLU B 520 25.97 -1.99 -12.44
CA GLU B 520 26.22 -1.47 -11.10
C GLU B 520 26.62 -2.57 -10.14
N ILE B 521 26.05 -3.76 -10.29
CA ILE B 521 26.40 -4.90 -9.45
C ILE B 521 27.81 -5.35 -9.74
N ASP B 522 28.16 -5.38 -11.02
CA ASP B 522 29.52 -5.72 -11.43
C ASP B 522 30.52 -4.64 -10.99
N ALA B 523 30.13 -3.37 -11.08
CA ALA B 523 31.05 -2.28 -10.79
C ALA B 523 31.57 -2.35 -9.37
N ASP B 524 30.73 -2.75 -8.42
CA ASP B 524 31.13 -2.86 -7.00
C ASP B 524 31.66 -4.25 -6.62
N PHE B 525 31.51 -5.23 -7.52
CA PHE B 525 31.98 -6.61 -7.30
C PHE B 525 33.41 -6.66 -6.77
N PRO B 526 33.67 -7.50 -5.76
CA PRO B 526 32.81 -8.52 -5.19
C PRO B 526 31.84 -8.02 -4.13
N HIS B 527 31.78 -6.70 -3.90
CA HIS B 527 30.90 -6.16 -2.86
C HIS B 527 29.47 -6.15 -3.38
N PRO B 528 28.51 -6.47 -2.49
CA PRO B 528 27.11 -6.44 -2.91
C PRO B 528 26.59 -5.01 -2.89
N LEU B 529 25.55 -4.76 -3.69
CA LEU B 529 24.86 -3.48 -3.67
C LEU B 529 23.90 -3.51 -2.50
N ARG B 530 24.16 -2.70 -1.49
CA ARG B 530 23.32 -2.69 -0.28
C ARG B 530 22.22 -1.64 -0.40
N LEU B 531 21.09 -2.02 -0.99
CA LEU B 531 20.03 -1.11 -1.40
C LEU B 531 18.93 -0.99 -0.39
N ARG B 532 18.42 0.23 -0.24
CA ARG B 532 17.17 0.49 0.50
C ARG B 532 16.02 0.96 -0.38
N LEU B 533 16.30 1.35 -1.62
CA LEU B 533 15.26 1.71 -2.55
C LEU B 533 15.73 1.41 -3.94
N MET B 534 14.80 0.98 -4.77
CA MET B 534 15.03 0.93 -6.17
C MET B 534 13.90 1.71 -6.77
N GLY B 535 14.08 2.14 -8.01
CA GLY B 535 13.00 2.65 -8.84
C GLY B 535 13.29 2.45 -10.30
N VAL B 536 12.24 2.57 -11.12
CA VAL B 536 12.39 2.54 -12.59
C VAL B 536 11.51 3.62 -13.19
N ARG B 537 12.09 4.45 -14.05
CA ARG B 537 11.36 5.50 -14.75
C ARG B 537 11.49 5.26 -16.22
N ILE B 538 10.41 5.55 -16.93
CA ILE B 538 10.42 5.55 -18.39
C ILE B 538 10.06 6.95 -18.88
N SER B 539 10.73 7.37 -19.95
CA SER B 539 10.63 8.72 -20.41
C SER B 539 11.01 8.81 -21.88
N SER B 540 10.88 10.01 -22.43
CA SER B 540 11.15 10.34 -23.82
C SER B 540 10.02 9.85 -24.72
N PHE B 541 8.80 10.15 -24.30
CA PHE B 541 7.62 9.79 -25.07
C PHE B 541 7.60 10.61 -26.37
N PRO B 542 6.91 10.13 -27.42
CA PRO B 542 6.88 10.87 -28.68
C PRO B 542 6.10 12.20 -28.61
N ASN B 543 6.55 13.19 -29.38
CA ASN B 543 6.07 14.58 -29.26
C ASN B 543 4.57 14.80 -29.47
MG MG G . 5.14 -20.76 7.14
MG MG H . -7.54 -26.99 10.42
MG MG I . 2.31 -21.90 5.68
I IOD J . -17.19 -20.35 16.79
I IOD K . -24.39 -1.87 4.49
I IOD L . 7.51 -48.57 4.75
I IOD M . 8.98 -3.81 -0.87
I IOD N . 12.08 -16.46 13.97
N1 DZ4 O . -3.17 -12.51 7.35
C2 DZ4 O . -2.16 -11.95 6.69
N3 DZ4 O . -0.97 -12.49 6.38
C4 DZ4 O . -0.87 -13.77 6.83
C5 DZ4 O . -1.85 -14.46 7.52
C6 DZ4 O . -3.06 -13.79 7.79
N6 DZ4 O . -4.09 -14.35 8.47
N7 DZ4 O . -1.37 -15.73 7.81
C8 DZ4 O . -0.16 -15.75 7.29
N9 DZ4 O . 0.19 -14.61 6.68
PA DZ4 O . 2.29 -19.13 7.27
PB DZ4 O . 4.57 -18.29 8.87
PG DZ4 O . 5.00 -20.76 10.34
C1' DZ4 O . 1.46 -14.29 6.00
O1A DZ4 O . 3.12 -20.16 6.69
O1B DZ4 O . 5.38 -18.68 7.71
O1G DZ4 O . 6.44 -21.12 10.68
C2' DZ4 O . 2.60 -14.11 6.97
O2A DZ4 O . 0.90 -19.73 7.64
O2B DZ4 O . 4.83 -16.74 9.20
O2G DZ4 O . 4.03 -20.95 11.47
C3' DZ4 O . 3.44 -15.36 6.82
O3' DZ4 O . 4.84 -15.08 6.90
N3A DZ4 O . 2.98 -18.52 8.61
O3B DZ4 O . 5.04 -19.17 10.12
O3G DZ4 O . 4.53 -21.30 9.01
C4' DZ4 O . 3.10 -15.89 5.44
O4' DZ4 O . 1.81 -15.37 5.12
C5' DZ4 O . 3.11 -17.41 5.39
O5' DZ4 O . 2.06 -17.94 6.21
MG MG P . 9.22 28.30 -1.18
MG MG Q . -3.53 22.18 1.67
I IOD R . 24.28 1.77 -5.07
I IOD S . -7.26 21.14 11.32
I IOD T . 26.50 1.16 1.28
I IOD U . 20.83 23.37 2.31
N1 DZ4 V . 4.72 13.54 1.23
C2 DZ4 V . 3.52 12.93 1.13
N3 DZ4 V . 2.32 13.51 1.05
C4 DZ4 V . 2.40 14.86 1.07
C5 DZ4 V . 3.56 15.59 1.16
C6 DZ4 V . 4.77 14.89 1.25
N6 DZ4 V . 5.96 15.51 1.36
N7 DZ4 V . 3.27 16.94 1.15
C8 DZ4 V . 1.95 16.98 1.06
N9 DZ4 V . 1.39 15.76 0.98
PA DZ4 V . -0.59 20.62 1.14
PB DZ4 V . -1.98 20.28 3.69
PG DZ4 V . -2.33 23.05 4.56
C1' DZ4 V . -0.06 15.45 0.89
O1A DZ4 V . 0.73 21.37 0.78
O1B DZ4 V . -1.99 18.90 4.50
O1G DZ4 V . -1.15 23.78 5.16
C2' DZ4 V . -0.69 15.59 2.27
O2A DZ4 V . -1.75 21.44 0.71
O2B DZ4 V . -3.20 20.40 2.89
O2G DZ4 V . -3.61 23.20 5.34
C3' DZ4 V . -1.49 16.88 2.17
O3' DZ4 V . -2.69 16.78 2.93
N3A DZ4 V . -0.65 20.39 2.76
O3B DZ4 V . -1.95 21.50 4.74
O3G DZ4 V . -2.48 23.22 3.07
C4' DZ4 V . -1.77 17.03 0.67
O4' DZ4 V . -0.71 16.35 0.01
C5' DZ4 V . -1.87 18.48 0.23
O5' DZ4 V . -0.65 19.19 0.40
MG MG W . -2.07 21.81 -1.34
PT1 CPT X . -9.38 -11.62 4.53
N1 CPT X . -9.91 -10.90 6.36
N2 CPT X . -11.10 -12.72 4.48
PT1 CPT Y . 9.98 11.88 -3.23
N1 CPT Y . 11.14 11.95 -1.57
N2 CPT Y . 11.42 12.85 -4.28
#